data_3Q6M
#
_entry.id   3Q6M
#
_cell.length_a   162.702
_cell.length_b   304.553
_cell.length_c   87.624
_cell.angle_alpha   90.00
_cell.angle_beta   90.00
_cell.angle_gamma   90.00
#
_symmetry.space_group_name_H-M   'C 2 2 21'
#
loop_
_entity.id
_entity.type
_entity.pdbx_description
1 polymer 'Heat shock protein HSP 90-alpha'
2 non-polymer 'SULFATE ION'
3 water water
#
_entity_poly.entity_id   1
_entity_poly.type   'polypeptide(L)'
_entity_poly.pdbx_seq_one_letter_code
;AATKPIWTRNPDDITNEEYGEFYKSLTNDWEDHLAVKHFSVEGQLEFRALLFVPRRAPFDLFENRKKKNNIKLYVRRVFI
MDNCEELIPEYLNFIRGVVDSEDLPLNISREMLQQSKILKVIRKNLVKKCLELFTELAEDKENYKKFYEQFSKNIKLGIH
EDSQNRKKLSELLRYYTSASGDEMVSLKDYCTRMKENQKHIYYITGETKDQVANSAFVERLRKHGLEVIYMIEPIDEYCV
QQLKEFEGKTLVSVTKEGLELPEDEEEKKKQEEKKTKFENLCKIMKDILEKKVEKVVVSNRLVTSPCCIVTSTYGWTANM
ERIMKAQALRDNSTMGYMAAKKHLEINPDHSIIETLRQKAEADKNDKSVKDLVILLYETALLSSGFSLEDPQTHANRIYR
MIKLGLGIDEDDPTADDTSAAVTEEMPPLEGDDDTSRMEEVDHHHHHH
;
_entity_poly.pdbx_strand_id   A,B,C
#
loop_
_chem_comp.id
_chem_comp.type
_chem_comp.name
_chem_comp.formula
SO4 non-polymer 'SULFATE ION' 'O4 S -2'
#
# COMPACT_ATOMS: atom_id res chain seq x y z
N LYS A 4 -20.43 -35.92 -15.64
CA LYS A 4 -19.25 -36.20 -16.52
C LYS A 4 -17.91 -35.59 -15.98
N PRO A 5 -17.80 -34.24 -15.87
CA PRO A 5 -16.55 -33.79 -15.28
C PRO A 5 -16.57 -34.00 -13.78
N ILE A 6 -15.40 -34.09 -13.17
CA ILE A 6 -15.26 -34.46 -11.78
C ILE A 6 -16.08 -33.57 -10.83
N TRP A 7 -16.15 -32.26 -11.12
CA TRP A 7 -16.75 -31.30 -10.20
C TRP A 7 -18.26 -31.43 -10.22
N THR A 8 -18.73 -32.16 -11.21
CA THR A 8 -20.15 -32.40 -11.42
C THR A 8 -20.52 -33.74 -10.80
N ARG A 9 -19.50 -34.53 -10.46
CA ARG A 9 -19.70 -35.78 -9.74
C ARG A 9 -20.01 -35.51 -8.24
N ASN A 10 -20.58 -36.52 -7.59
CA ASN A 10 -20.97 -36.47 -6.18
C ASN A 10 -19.82 -36.81 -5.24
N PRO A 11 -19.52 -35.91 -4.29
CA PRO A 11 -18.29 -36.01 -3.50
C PRO A 11 -18.07 -37.33 -2.74
N ASP A 12 -19.12 -38.14 -2.54
CA ASP A 12 -18.92 -39.45 -1.92
C ASP A 12 -18.29 -40.46 -2.88
N ASP A 13 -18.55 -40.30 -4.17
CA ASP A 13 -18.06 -41.23 -5.20
C ASP A 13 -16.65 -40.91 -5.70
N ILE A 14 -16.06 -39.80 -5.22
CA ILE A 14 -14.72 -39.42 -5.63
C ILE A 14 -13.70 -39.73 -4.53
N THR A 15 -12.56 -40.30 -4.91
CA THR A 15 -11.48 -40.63 -3.97
C THR A 15 -10.37 -39.59 -3.97
N ASN A 16 -9.56 -39.55 -2.92
CA ASN A 16 -8.50 -38.53 -2.85
C ASN A 16 -7.48 -38.69 -3.99
N GLU A 17 -7.27 -39.95 -4.36
CA GLU A 17 -6.48 -40.31 -5.50
C GLU A 17 -7.06 -39.69 -6.76
N GLU A 18 -8.38 -39.74 -6.94
CA GLU A 18 -9.02 -39.06 -8.08
C GLU A 18 -8.98 -37.54 -7.98
N TYR A 19 -9.27 -36.99 -6.79
CA TYR A 19 -9.24 -35.55 -6.59
C TYR A 19 -7.84 -35.08 -6.84
N GLY A 20 -6.89 -35.80 -6.27
CA GLY A 20 -5.49 -35.48 -6.43
C GLY A 20 -5.10 -35.44 -7.88
N GLU A 21 -5.46 -36.48 -8.63
CA GLU A 21 -5.17 -36.54 -10.05
C GLU A 21 -5.79 -35.33 -10.77
N PHE A 22 -6.97 -34.91 -10.33
CA PHE A 22 -7.55 -33.75 -10.98
C PHE A 22 -6.74 -32.49 -10.70
N TYR A 23 -6.38 -32.32 -9.43
CA TYR A 23 -5.62 -31.17 -9.00
C TYR A 23 -4.31 -30.98 -9.79
N LYS A 24 -3.59 -32.08 -10.01
CA LYS A 24 -2.28 -32.01 -10.65
C LYS A 24 -2.46 -31.63 -12.11
N SER A 25 -3.49 -32.22 -12.72
CA SER A 25 -3.96 -31.86 -14.05
C SER A 25 -4.29 -30.37 -14.11
N LEU A 26 -5.09 -29.93 -13.15
CA LEU A 26 -5.61 -28.57 -13.11
C LEU A 26 -4.53 -27.51 -13.01
N THR A 27 -3.54 -27.77 -12.16
CA THR A 27 -2.61 -26.74 -11.74
C THR A 27 -1.17 -26.97 -12.18
N ASN A 28 -0.90 -28.12 -12.82
CA ASN A 28 0.46 -28.47 -13.27
C ASN A 28 1.48 -28.69 -12.18
N ASP A 29 0.98 -28.93 -10.95
CA ASP A 29 1.81 -29.23 -9.78
C ASP A 29 2.46 -30.61 -9.95
N TRP A 30 3.52 -30.89 -9.17
CA TRP A 30 4.09 -32.24 -9.15
C TRP A 30 3.54 -33.11 -8.03
N GLU A 31 2.93 -32.47 -7.01
CA GLU A 31 2.35 -33.21 -5.89
C GLU A 31 0.86 -32.89 -5.80
N ASP A 32 0.11 -33.66 -5.01
CA ASP A 32 -1.32 -33.39 -4.90
C ASP A 32 -1.66 -32.39 -3.83
N HIS A 33 -2.93 -32.01 -3.82
CA HIS A 33 -3.45 -30.99 -2.94
C HIS A 33 -3.23 -31.31 -1.44
N LEU A 34 -3.41 -30.31 -0.57
CA LEU A 34 -3.35 -30.53 0.88
C LEU A 34 -4.76 -30.76 1.44
N ALA A 35 -5.73 -30.08 0.85
CA ALA A 35 -7.12 -30.21 1.28
C ALA A 35 -8.06 -29.99 0.09
N VAL A 36 -9.32 -30.40 0.22
CA VAL A 36 -10.29 -30.23 -0.85
C VAL A 36 -11.68 -29.88 -0.32
N LYS A 37 -12.37 -28.96 -0.97
CA LYS A 37 -13.76 -28.65 -0.61
C LYS A 37 -14.62 -28.68 -1.87
N HIS A 38 -15.56 -29.60 -1.92
CA HIS A 38 -16.36 -29.82 -3.10
C HIS A 38 -17.79 -29.66 -2.62
N PHE A 39 -18.45 -28.62 -3.11
CA PHE A 39 -19.77 -28.26 -2.59
C PHE A 39 -20.66 -27.72 -3.69
N SER A 40 -21.95 -27.76 -3.44
CA SER A 40 -22.89 -27.16 -4.35
C SER A 40 -23.81 -26.25 -3.57
N VAL A 41 -23.87 -25.00 -4.01
CA VAL A 41 -24.79 -24.03 -3.47
C VAL A 41 -26.10 -24.19 -4.23
N GLU A 42 -27.16 -24.44 -3.48
CA GLU A 42 -28.49 -24.64 -4.06
C GLU A 42 -29.37 -23.52 -3.55
N GLY A 43 -30.34 -23.11 -4.35
CA GLY A 43 -31.29 -22.11 -3.90
C GLY A 43 -31.53 -20.97 -4.88
N GLN A 44 -31.25 -19.75 -4.43
CA GLN A 44 -31.44 -18.55 -5.24
C GLN A 44 -30.59 -18.60 -6.53
N LEU A 45 -29.30 -18.91 -6.36
CA LEU A 45 -28.41 -19.09 -7.50
C LEU A 45 -27.66 -20.38 -7.33
N GLU A 46 -27.98 -21.40 -8.13
CA GLU A 46 -27.26 -22.66 -8.02
C GLU A 46 -25.99 -22.72 -8.87
N PHE A 47 -24.93 -23.21 -8.23
CA PHE A 47 -23.64 -23.38 -8.85
C PHE A 47 -22.84 -24.43 -8.09
N ARG A 48 -21.71 -24.79 -8.65
CA ARG A 48 -20.96 -25.91 -8.18
C ARG A 48 -19.46 -25.52 -8.08
N ALA A 49 -18.82 -25.90 -6.97
CA ALA A 49 -17.41 -25.55 -6.78
C ALA A 49 -16.59 -26.70 -6.23
N LEU A 50 -15.38 -26.85 -6.78
CA LEU A 50 -14.40 -27.80 -6.29
C LEU A 50 -13.18 -27.00 -5.93
N LEU A 51 -12.86 -26.92 -4.64
CA LEU A 51 -11.78 -26.05 -4.18
C LEU A 51 -10.62 -26.81 -3.55
N PHE A 52 -9.40 -26.39 -3.86
CA PHE A 52 -8.21 -27.06 -3.38
C PHE A 52 -7.29 -26.10 -2.65
N VAL A 53 -6.75 -26.53 -1.51
CA VAL A 53 -5.56 -25.90 -0.94
C VAL A 53 -4.29 -26.69 -1.37
N PRO A 54 -3.31 -25.99 -1.94
CA PRO A 54 -2.02 -26.57 -2.23
C PRO A 54 -1.19 -26.86 -0.96
N ARG A 55 -0.20 -27.74 -1.08
CA ARG A 55 0.68 -28.07 0.02
C ARG A 55 1.72 -27.00 0.21
N ARG A 56 1.91 -26.19 -0.83
CA ARG A 56 2.94 -25.15 -0.81
C ARG A 56 2.40 -23.81 -1.33
N ALA A 57 2.59 -22.79 -0.50
CA ALA A 57 2.20 -21.42 -0.82
C ALA A 57 2.85 -20.99 -2.13
N PRO A 58 2.05 -20.51 -3.07
CA PRO A 58 2.57 -20.04 -4.34
C PRO A 58 3.27 -18.70 -4.24
N PHE A 59 4.06 -18.39 -5.25
CA PHE A 59 4.53 -17.04 -5.45
C PHE A 59 3.43 -16.29 -6.19
N ASN A 69 -9.63 -15.44 -8.64
CA ASN A 69 -8.24 -15.10 -9.03
C ASN A 69 -7.56 -16.13 -9.95
N ASN A 70 -7.37 -17.35 -9.46
CA ASN A 70 -6.86 -18.48 -10.24
C ASN A 70 -7.87 -19.64 -10.23
N ILE A 71 -9.14 -19.28 -10.31
CA ILE A 71 -10.25 -20.22 -10.33
C ILE A 71 -10.73 -20.28 -11.77
N LYS A 72 -11.01 -21.48 -12.27
CA LYS A 72 -11.54 -21.57 -13.62
C LYS A 72 -13.06 -21.44 -13.53
N LEU A 73 -13.67 -20.57 -14.34
CA LEU A 73 -15.11 -20.36 -14.26
C LEU A 73 -15.86 -20.96 -15.44
N TYR A 74 -16.86 -21.76 -15.11
CA TYR A 74 -17.67 -22.43 -16.10
C TYR A 74 -19.11 -22.07 -15.90
N VAL A 75 -19.79 -21.84 -17.01
CA VAL A 75 -21.23 -21.72 -17.04
C VAL A 75 -21.73 -22.94 -17.81
N ARG A 76 -22.59 -23.73 -17.18
CA ARG A 76 -23.18 -24.91 -17.82
C ARG A 76 -22.15 -25.74 -18.60
N ARG A 77 -21.16 -26.25 -17.87
CA ARG A 77 -20.12 -27.14 -18.42
C ARG A 77 -19.19 -26.55 -19.46
N VAL A 78 -19.23 -25.23 -19.64
CA VAL A 78 -18.49 -24.58 -20.73
C VAL A 78 -17.53 -23.54 -20.15
N PHE A 79 -16.23 -23.69 -20.45
CA PHE A 79 -15.23 -22.77 -19.91
C PHE A 79 -15.47 -21.32 -20.35
N ILE A 80 -15.37 -20.38 -19.39
CA ILE A 80 -15.58 -18.96 -19.70
C ILE A 80 -14.30 -18.13 -19.59
N MET A 81 -13.63 -18.25 -18.45
CA MET A 81 -12.39 -17.51 -18.14
C MET A 81 -11.72 -18.07 -16.88
N ASP A 82 -10.44 -17.74 -16.68
CA ASP A 82 -9.80 -18.00 -15.37
C ASP A 82 -9.23 -16.82 -14.61
N ASN A 83 -8.97 -15.70 -15.27
CA ASN A 83 -8.46 -14.52 -14.56
C ASN A 83 -9.57 -13.62 -14.01
N CYS A 84 -10.38 -14.16 -13.10
CA CYS A 84 -11.60 -13.47 -12.67
C CYS A 84 -11.50 -12.61 -11.42
N GLU A 85 -11.36 -11.30 -11.63
CA GLU A 85 -11.31 -10.31 -10.54
C GLU A 85 -12.47 -10.56 -9.57
N GLU A 86 -12.15 -10.85 -8.32
CA GLU A 86 -13.16 -10.87 -7.28
C GLU A 86 -14.13 -12.06 -7.35
N LEU A 87 -13.62 -13.25 -7.62
CA LEU A 87 -14.33 -14.47 -7.26
C LEU A 87 -13.97 -14.86 -5.82
N ILE A 88 -12.77 -14.48 -5.40
CA ILE A 88 -12.31 -14.58 -4.01
C ILE A 88 -11.50 -13.34 -3.78
N PRO A 89 -11.32 -12.96 -2.50
CA PRO A 89 -10.47 -11.83 -2.16
C PRO A 89 -9.00 -12.23 -2.26
N GLU A 90 -8.12 -11.25 -2.32
CA GLU A 90 -6.71 -11.52 -2.51
C GLU A 90 -6.15 -12.48 -1.45
N TYR A 91 -6.60 -12.37 -0.20
CA TYR A 91 -5.95 -13.18 0.84
C TYR A 91 -6.22 -14.65 0.73
N LEU A 92 -7.26 -15.01 -0.01
CA LEU A 92 -7.55 -16.41 -0.26
C LEU A 92 -7.09 -16.81 -1.65
N ASN A 93 -6.28 -15.97 -2.27
CA ASN A 93 -5.98 -16.18 -3.68
C ASN A 93 -5.14 -17.44 -3.98
N PHE A 94 -4.65 -18.09 -2.92
CA PHE A 94 -3.93 -19.37 -3.05
C PHE A 94 -4.86 -20.53 -3.39
N ILE A 95 -6.16 -20.34 -3.19
CA ILE A 95 -7.10 -21.39 -3.47
C ILE A 95 -7.10 -21.59 -4.97
N ARG A 96 -7.28 -22.84 -5.40
CA ARG A 96 -7.32 -23.16 -6.84
C ARG A 96 -8.48 -24.12 -7.03
N GLY A 97 -9.14 -24.08 -8.18
CA GLY A 97 -10.23 -25.00 -8.47
C GLY A 97 -11.14 -24.40 -9.50
N VAL A 98 -12.29 -25.02 -9.71
CA VAL A 98 -13.21 -24.55 -10.76
C VAL A 98 -14.59 -24.20 -10.17
N VAL A 99 -15.28 -23.25 -10.79
CA VAL A 99 -16.67 -22.96 -10.45
C VAL A 99 -17.55 -23.11 -11.69
N ASP A 100 -18.49 -24.05 -11.60
CA ASP A 100 -19.42 -24.32 -12.68
C ASP A 100 -20.79 -23.86 -12.23
N SER A 101 -21.23 -22.78 -12.86
CA SER A 101 -22.54 -22.21 -12.62
C SER A 101 -23.56 -22.95 -13.47
N GLU A 102 -24.76 -23.16 -12.95
CA GLU A 102 -25.83 -23.82 -13.73
C GLU A 102 -26.69 -22.83 -14.50
N ASP A 103 -26.61 -21.55 -14.14
CA ASP A 103 -27.36 -20.49 -14.83
C ASP A 103 -26.61 -19.15 -14.99
N LEU A 104 -26.57 -18.68 -16.24
CA LEU A 104 -26.13 -17.33 -16.60
C LEU A 104 -26.66 -17.03 -18.02
N PRO A 105 -27.63 -16.08 -18.12
CA PRO A 105 -28.46 -15.85 -19.32
C PRO A 105 -27.72 -15.61 -20.65
N GLN A 115 -18.58 -8.67 -14.91
CA GLN A 115 -18.95 -7.49 -14.07
C GLN A 115 -20.46 -7.46 -13.79
N SER A 116 -20.82 -7.65 -12.51
CA SER A 116 -22.21 -7.58 -12.05
C SER A 116 -22.29 -7.68 -10.53
N LYS A 117 -23.47 -8.02 -10.02
CA LYS A 117 -23.63 -8.34 -8.59
C LYS A 117 -23.96 -9.82 -8.35
N ILE A 118 -24.08 -10.58 -9.43
CA ILE A 118 -24.09 -12.05 -9.37
C ILE A 118 -22.85 -12.59 -8.64
N LEU A 119 -21.69 -12.00 -8.91
CA LEU A 119 -20.40 -12.47 -8.39
C LEU A 119 -20.29 -12.41 -6.87
N LYS A 120 -20.99 -11.44 -6.26
CA LYS A 120 -21.04 -11.29 -4.80
C LYS A 120 -21.52 -12.57 -4.13
N VAL A 121 -22.57 -13.17 -4.70
CA VAL A 121 -23.14 -14.41 -4.17
C VAL A 121 -22.13 -15.54 -4.24
N ILE A 122 -21.52 -15.72 -5.40
CA ILE A 122 -20.46 -16.71 -5.52
C ILE A 122 -19.36 -16.40 -4.51
N ARG A 123 -18.89 -15.15 -4.51
CA ARG A 123 -17.76 -14.73 -3.68
C ARG A 123 -17.97 -14.98 -2.19
N LYS A 124 -19.18 -14.75 -1.68
CA LYS A 124 -19.54 -15.01 -0.27
C LYS A 124 -19.55 -16.51 -0.01
N ASN A 125 -20.15 -17.25 -0.94
CA ASN A 125 -20.22 -18.70 -0.79
C ASN A 125 -18.85 -19.33 -0.76
N LEU A 126 -18.03 -19.07 -1.76
CA LEU A 126 -16.68 -19.56 -1.75
C LEU A 126 -15.95 -19.22 -0.44
N VAL A 127 -16.15 -17.99 0.04
CA VAL A 127 -15.40 -17.52 1.19
C VAL A 127 -15.90 -18.16 2.47
N LYS A 128 -17.19 -18.46 2.54
CA LYS A 128 -17.74 -19.23 3.65
C LYS A 128 -17.12 -20.63 3.68
N LYS A 129 -17.27 -21.37 2.58
CA LYS A 129 -16.76 -22.73 2.48
C LYS A 129 -15.26 -22.85 2.65
N CYS A 130 -14.51 -21.83 2.26
CA CYS A 130 -13.09 -21.90 2.48
C CYS A 130 -12.82 -21.84 3.98
N LEU A 131 -13.42 -20.86 4.66
CA LEU A 131 -13.25 -20.78 6.08
C LEU A 131 -13.83 -22.01 6.77
N GLU A 132 -14.82 -22.64 6.16
CA GLU A 132 -15.37 -23.87 6.70
C GLU A 132 -14.27 -24.92 6.73
N LEU A 133 -13.73 -25.22 5.53
CA LEU A 133 -12.64 -26.16 5.32
C LEU A 133 -11.50 -25.96 6.32
N PHE A 134 -11.07 -24.71 6.50
CA PHE A 134 -9.99 -24.40 7.42
C PHE A 134 -10.35 -24.80 8.85
N THR A 135 -11.54 -24.45 9.35
CA THR A 135 -11.96 -24.86 10.71
C THR A 135 -11.89 -26.36 10.85
N GLU A 136 -12.35 -27.07 9.80
CA GLU A 136 -12.31 -28.53 9.76
C GLU A 136 -10.88 -29.02 9.84
N LEU A 137 -10.02 -28.45 9.00
CA LEU A 137 -8.63 -28.81 8.98
C LEU A 137 -7.98 -28.66 10.37
N ALA A 138 -8.53 -27.75 11.20
CA ALA A 138 -7.99 -27.43 12.53
C ALA A 138 -8.31 -28.46 13.63
N GLU A 139 -9.17 -29.41 13.31
CA GLU A 139 -9.18 -30.72 13.98
C GLU A 139 -7.88 -31.37 13.53
N ASP A 140 -7.84 -32.69 13.41
CA ASP A 140 -6.68 -33.35 12.82
C ASP A 140 -5.46 -32.41 12.93
N LYS A 141 -4.95 -32.26 14.16
CA LYS A 141 -3.87 -31.31 14.48
C LYS A 141 -2.63 -31.50 13.60
N GLU A 142 -2.24 -32.76 13.37
CA GLU A 142 -1.21 -33.13 12.40
C GLU A 142 -1.26 -32.26 11.14
N ASN A 143 -2.42 -32.26 10.49
CA ASN A 143 -2.57 -31.61 9.19
C ASN A 143 -2.76 -30.11 9.22
N TYR A 144 -3.16 -29.57 10.38
CA TYR A 144 -3.34 -28.14 10.46
C TYR A 144 -1.99 -27.51 10.52
N LYS A 145 -1.03 -28.26 11.05
CA LYS A 145 0.33 -27.77 11.11
C LYS A 145 0.83 -27.58 9.69
N LYS A 146 0.60 -28.54 8.80
CA LYS A 146 1.03 -28.35 7.41
C LYS A 146 0.37 -27.12 6.76
N PHE A 147 -0.95 -27.02 6.91
CA PHE A 147 -1.67 -25.86 6.41
C PHE A 147 -1.17 -24.52 6.97
N TYR A 148 -1.05 -24.40 8.29
CA TYR A 148 -0.77 -23.11 8.90
C TYR A 148 0.66 -22.70 8.66
N GLU A 149 1.57 -23.67 8.65
CA GLU A 149 2.96 -23.40 8.36
C GLU A 149 3.07 -22.62 7.04
N GLN A 150 2.23 -22.98 6.08
CA GLN A 150 2.19 -22.38 4.73
C GLN A 150 1.35 -21.12 4.58
N PHE A 151 0.26 -20.99 5.35
CA PHE A 151 -0.78 -20.01 5.04
C PHE A 151 -1.16 -19.10 6.19
N SER A 152 -0.28 -18.99 7.18
CA SER A 152 -0.51 -18.14 8.36
C SER A 152 -0.63 -16.69 7.92
N LYS A 153 0.25 -16.30 6.99
CA LYS A 153 0.29 -14.97 6.39
C LYS A 153 -1.05 -14.54 5.86
N ASN A 154 -1.69 -15.39 5.05
CA ASN A 154 -2.97 -15.13 4.45
C ASN A 154 -4.07 -14.98 5.48
N ILE A 155 -4.10 -15.87 6.47
CA ILE A 155 -5.07 -15.72 7.55
C ILE A 155 -4.95 -14.36 8.17
N LYS A 156 -3.72 -13.94 8.45
CA LYS A 156 -3.47 -12.64 9.06
C LYS A 156 -3.88 -11.52 8.11
N LEU A 157 -3.35 -11.54 6.88
CA LEU A 157 -3.70 -10.58 5.84
C LEU A 157 -5.20 -10.38 5.73
N GLY A 158 -5.96 -11.43 6.02
CA GLY A 158 -7.41 -11.38 5.95
C GLY A 158 -8.04 -10.76 7.17
N ILE A 159 -7.46 -10.99 8.33
CA ILE A 159 -7.93 -10.30 9.55
C ILE A 159 -7.87 -8.80 9.36
N HIS A 160 -6.79 -8.35 8.73
CA HIS A 160 -6.63 -6.95 8.44
C HIS A 160 -7.70 -6.42 7.52
N GLU A 161 -8.01 -7.15 6.44
CA GLU A 161 -8.89 -6.65 5.39
C GLU A 161 -10.34 -7.03 5.59
N ASP A 162 -10.60 -8.26 6.02
CA ASP A 162 -11.96 -8.81 5.98
C ASP A 162 -12.68 -8.80 7.33
N SER A 163 -13.37 -7.69 7.61
CA SER A 163 -14.05 -7.45 8.89
C SER A 163 -15.25 -8.38 9.13
N GLN A 164 -16.01 -8.65 8.06
CA GLN A 164 -17.13 -9.58 8.12
C GLN A 164 -16.74 -10.97 8.60
N ASN A 165 -15.46 -11.32 8.49
CA ASN A 165 -15.01 -12.65 8.85
C ASN A 165 -13.92 -12.65 9.91
N ARG A 166 -13.52 -11.45 10.34
CA ARG A 166 -12.40 -11.27 11.26
C ARG A 166 -12.41 -12.24 12.47
N LYS A 167 -13.57 -12.47 13.08
CA LYS A 167 -13.65 -13.36 14.25
C LYS A 167 -13.35 -14.83 13.90
N LYS A 168 -13.91 -15.34 12.79
CA LYS A 168 -13.57 -16.69 12.31
C LYS A 168 -12.09 -16.80 11.97
N LEU A 169 -11.55 -15.79 11.32
CA LEU A 169 -10.15 -15.79 10.95
C LEU A 169 -9.25 -15.83 12.18
N SER A 170 -9.72 -15.24 13.27
CA SER A 170 -8.91 -15.10 14.47
C SER A 170 -8.81 -16.42 15.23
N GLU A 171 -9.78 -17.30 15.04
CA GLU A 171 -9.76 -18.63 15.67
C GLU A 171 -8.87 -19.59 14.92
N LEU A 172 -8.30 -19.16 13.81
CA LEU A 172 -7.44 -20.03 13.03
C LEU A 172 -6.00 -19.74 13.35
N LEU A 173 -5.77 -18.59 14.00
CA LEU A 173 -4.42 -18.12 14.38
C LEU A 173 -3.78 -18.98 15.47
N ARG A 174 -2.49 -19.18 15.31
CA ARG A 174 -1.65 -19.96 16.22
C ARG A 174 -0.40 -19.13 16.48
N TYR A 175 0.10 -19.18 17.71
CA TYR A 175 1.28 -18.39 18.08
C TYR A 175 2.17 -19.07 19.14
N TYR A 176 3.46 -18.75 19.13
CA TYR A 176 4.37 -19.12 20.21
C TYR A 176 4.09 -18.18 21.38
N THR A 177 3.99 -18.71 22.60
CA THR A 177 3.75 -17.87 23.76
C THR A 177 4.67 -18.29 24.89
N SER A 178 4.77 -17.44 25.92
CA SER A 178 5.64 -17.71 27.04
C SER A 178 5.22 -18.97 27.78
N ALA A 179 4.10 -19.56 27.39
CA ALA A 179 3.66 -20.75 28.09
C ALA A 179 3.88 -22.03 27.28
N SER A 180 4.07 -21.86 25.98
CA SER A 180 3.83 -22.93 25.02
C SER A 180 5.03 -23.77 24.59
N GLY A 181 6.24 -23.34 24.91
CA GLY A 181 7.44 -24.09 24.52
C GLY A 181 7.83 -23.94 23.06
N ASP A 182 7.95 -25.08 22.38
CA ASP A 182 8.23 -25.09 20.93
C ASP A 182 7.00 -25.38 20.08
N GLU A 183 5.86 -25.55 20.72
CA GLU A 183 4.60 -25.73 20.03
C GLU A 183 3.99 -24.35 19.96
N MET A 184 3.15 -24.11 18.94
CA MET A 184 2.37 -22.86 18.79
C MET A 184 0.94 -23.12 19.21
N VAL A 185 0.38 -22.21 20.00
CA VAL A 185 -0.98 -22.41 20.55
C VAL A 185 -2.04 -21.44 19.99
N SER A 186 -3.32 -21.77 20.16
CA SER A 186 -4.41 -20.89 19.71
C SER A 186 -4.78 -19.82 20.76
N LEU A 187 -5.53 -18.81 20.33
CA LEU A 187 -6.01 -17.77 21.26
C LEU A 187 -6.96 -18.38 22.30
N LYS A 188 -7.78 -19.33 21.87
CA LYS A 188 -8.69 -20.03 22.80
C LYS A 188 -7.92 -20.57 24.00
N ASP A 189 -6.84 -21.29 23.72
CA ASP A 189 -6.01 -21.89 24.77
C ASP A 189 -5.38 -20.88 25.67
N TYR A 190 -4.91 -19.77 25.09
CA TYR A 190 -4.39 -18.65 25.86
C TYR A 190 -5.44 -18.28 26.91
N CYS A 191 -6.68 -18.17 26.44
CA CYS A 191 -7.78 -17.76 27.29
C CYS A 191 -8.12 -18.75 28.35
N THR A 192 -8.01 -20.05 28.05
CA THR A 192 -8.26 -21.07 29.06
C THR A 192 -7.28 -20.97 30.24
N ARG A 193 -6.12 -20.35 30.03
CA ARG A 193 -5.14 -20.20 31.11
C ARG A 193 -5.10 -18.84 31.77
N MET A 194 -5.97 -17.93 31.35
CA MET A 194 -5.95 -16.57 31.88
C MET A 194 -6.24 -16.61 33.36
N LYS A 195 -5.55 -15.74 34.09
CA LYS A 195 -5.54 -15.76 35.55
C LYS A 195 -6.89 -15.31 36.15
N GLU A 196 -6.89 -14.93 37.43
CA GLU A 196 -8.05 -14.18 37.87
C GLU A 196 -7.85 -12.68 37.96
N ASN A 197 -8.82 -11.96 37.39
CA ASN A 197 -8.80 -10.51 37.21
C ASN A 197 -7.98 -10.12 35.97
N GLN A 198 -7.65 -11.11 35.14
CA GLN A 198 -6.91 -10.80 33.94
C GLN A 198 -7.84 -10.40 32.81
N LYS A 199 -7.79 -9.13 32.42
CA LYS A 199 -8.69 -8.60 31.38
C LYS A 199 -8.04 -8.51 29.99
N HIS A 200 -6.71 -8.61 29.92
CA HIS A 200 -6.03 -8.41 28.65
C HIS A 200 -5.24 -9.62 28.08
N ILE A 201 -5.16 -9.67 26.76
CA ILE A 201 -4.28 -10.60 26.10
C ILE A 201 -2.99 -9.82 25.82
N TYR A 202 -1.86 -10.31 26.32
CA TYR A 202 -0.63 -9.56 26.20
C TYR A 202 0.18 -10.14 25.09
N TYR A 203 0.70 -9.28 24.22
CA TYR A 203 1.60 -9.75 23.17
C TYR A 203 2.82 -8.84 23.09
N ILE A 204 3.93 -9.40 22.61
CA ILE A 204 5.06 -8.61 22.16
C ILE A 204 5.36 -8.95 20.69
N THR A 205 5.76 -7.96 19.90
CA THR A 205 6.25 -8.21 18.55
C THR A 205 7.74 -7.89 18.42
N GLY A 206 8.51 -8.83 17.84
CA GLY A 206 9.95 -8.65 17.57
C GLY A 206 10.48 -9.60 16.50
N GLU A 207 11.80 -9.62 16.30
CA GLU A 207 12.40 -10.39 15.16
C GLU A 207 12.44 -11.90 15.43
N THR A 208 12.92 -12.27 16.61
CA THR A 208 13.03 -13.67 17.03
C THR A 208 12.33 -13.94 18.38
N LYS A 209 11.88 -15.19 18.54
CA LYS A 209 11.35 -15.70 19.77
C LYS A 209 12.33 -15.45 20.93
N ASP A 210 13.57 -15.91 20.80
CA ASP A 210 14.57 -15.66 21.84
C ASP A 210 14.67 -14.17 22.23
N GLN A 211 14.97 -13.31 21.28
CA GLN A 211 14.97 -11.85 21.49
C GLN A 211 13.80 -11.38 22.36
N VAL A 212 12.59 -11.76 22.01
CA VAL A 212 11.40 -11.24 22.71
C VAL A 212 11.19 -11.91 24.07
N ALA A 213 11.45 -13.21 24.14
CA ALA A 213 11.25 -13.99 25.36
C ALA A 213 12.16 -13.51 26.44
N ASN A 214 13.33 -13.00 26.05
CA ASN A 214 14.29 -12.50 27.01
C ASN A 214 14.41 -10.99 27.01
N SER A 215 13.38 -10.30 26.51
CA SER A 215 13.34 -8.84 26.54
C SER A 215 12.95 -8.39 27.92
N ALA A 216 13.38 -7.19 28.26
CA ALA A 216 13.08 -6.65 29.59
C ALA A 216 11.59 -6.51 29.74
N PHE A 217 10.88 -6.26 28.65
CA PHE A 217 9.44 -6.00 28.71
C PHE A 217 8.59 -7.14 29.23
N VAL A 218 9.09 -8.36 29.25
CA VAL A 218 8.26 -9.48 29.71
C VAL A 218 8.63 -10.05 31.10
N GLU A 219 9.66 -9.46 31.72
CA GLU A 219 10.24 -10.00 32.93
C GLU A 219 9.16 -10.24 33.97
N ARG A 220 8.43 -9.19 34.33
CA ARG A 220 7.44 -9.27 35.42
C ARG A 220 6.17 -10.05 35.01
N LEU A 221 5.69 -9.89 33.80
CA LEU A 221 4.55 -10.71 33.37
C LEU A 221 4.88 -12.19 33.51
N ARG A 222 6.05 -12.60 33.01
CA ARG A 222 6.55 -13.96 33.13
C ARG A 222 6.67 -14.43 34.58
N LYS A 223 7.14 -13.57 35.47
CA LYS A 223 7.29 -13.94 36.88
C LYS A 223 5.94 -14.26 37.51
N HIS A 224 4.93 -13.48 37.18
CA HIS A 224 3.59 -13.69 37.75
C HIS A 224 2.82 -14.76 37.02
N GLY A 225 3.32 -15.16 35.87
CA GLY A 225 2.68 -16.22 35.13
C GLY A 225 1.53 -15.71 34.30
N LEU A 226 1.61 -14.44 33.89
CA LEU A 226 0.68 -13.88 32.91
C LEU A 226 1.25 -14.13 31.54
N GLU A 227 0.50 -14.89 30.75
CA GLU A 227 1.02 -15.36 29.48
C GLU A 227 1.23 -14.18 28.55
N VAL A 228 2.24 -14.29 27.71
CA VAL A 228 2.57 -13.27 26.72
C VAL A 228 2.71 -13.98 25.38
N ILE A 229 2.03 -13.45 24.36
CA ILE A 229 2.13 -14.00 23.03
C ILE A 229 3.35 -13.43 22.30
N TYR A 230 4.16 -14.33 21.76
CA TYR A 230 5.39 -13.99 21.03
C TYR A 230 5.15 -13.77 19.53
N MET A 231 4.92 -12.54 19.11
CA MET A 231 4.71 -12.28 17.69
C MET A 231 6.00 -11.95 16.95
N ILE A 232 6.44 -12.88 16.11
CA ILE A 232 7.80 -12.84 15.55
C ILE A 232 7.89 -12.80 14.03
N GLU A 233 6.74 -12.72 13.38
CA GLU A 233 6.66 -12.46 11.95
C GLU A 233 6.29 -10.98 11.73
N PRO A 234 6.84 -10.34 10.66
CA PRO A 234 6.47 -8.96 10.30
C PRO A 234 4.98 -8.72 10.08
N ILE A 235 4.28 -9.65 9.45
CA ILE A 235 2.84 -9.49 9.19
C ILE A 235 2.06 -9.21 10.46
N ASP A 236 2.62 -9.64 11.58
CA ASP A 236 1.97 -9.49 12.89
C ASP A 236 1.81 -8.03 13.28
N GLU A 237 2.72 -7.18 12.81
CA GLU A 237 2.68 -5.75 13.10
C GLU A 237 1.50 -5.15 12.38
N TYR A 238 1.28 -5.63 11.16
CA TYR A 238 0.19 -5.22 10.31
C TYR A 238 -1.11 -5.83 10.81
N CYS A 239 -1.00 -6.98 11.44
CA CYS A 239 -2.16 -7.77 11.80
C CYS A 239 -2.85 -7.26 13.07
N VAL A 240 -2.07 -7.09 14.14
CA VAL A 240 -2.61 -6.62 15.42
C VAL A 240 -3.12 -5.20 15.33
N GLN A 241 -2.72 -4.51 14.26
CA GLN A 241 -3.31 -3.22 13.95
C GLN A 241 -4.85 -3.35 13.83
N GLN A 242 -5.34 -4.56 13.56
CA GLN A 242 -6.78 -4.79 13.35
C GLN A 242 -7.42 -5.81 14.28
N LEU A 243 -6.64 -6.74 14.81
CA LEU A 243 -7.14 -7.67 15.82
C LEU A 243 -7.15 -6.94 17.17
N LYS A 244 -8.24 -6.22 17.42
CA LYS A 244 -8.32 -5.33 18.56
C LYS A 244 -8.56 -6.10 19.85
N GLU A 245 -9.40 -7.12 19.78
CA GLU A 245 -9.69 -7.98 20.92
C GLU A 245 -10.17 -9.37 20.47
N PHE A 246 -10.15 -10.34 21.38
CA PHE A 246 -10.57 -11.69 21.10
C PHE A 246 -11.35 -12.17 22.30
N GLU A 247 -12.53 -12.73 22.06
CA GLU A 247 -13.38 -13.35 23.09
C GLU A 247 -13.68 -12.38 24.21
N GLY A 248 -13.89 -11.12 23.84
CA GLY A 248 -14.22 -10.07 24.79
C GLY A 248 -13.08 -9.47 25.57
N LYS A 249 -11.85 -9.89 25.26
CA LYS A 249 -10.66 -9.49 26.02
C LYS A 249 -9.75 -8.71 25.09
N THR A 250 -9.34 -7.50 25.47
CA THR A 250 -8.53 -6.70 24.54
C THR A 250 -7.07 -7.13 24.51
N LEU A 251 -6.46 -7.07 23.33
CA LEU A 251 -5.04 -7.35 23.17
C LEU A 251 -4.23 -6.11 23.50
N VAL A 252 -3.16 -6.27 24.27
CA VAL A 252 -2.26 -5.15 24.61
C VAL A 252 -0.79 -5.48 24.37
N SER A 253 -0.08 -4.51 23.79
CA SER A 253 1.34 -4.65 23.48
C SER A 253 2.12 -4.47 24.75
N VAL A 254 3.15 -5.28 24.97
CA VAL A 254 3.96 -5.09 26.17
C VAL A 254 5.08 -4.08 25.98
N THR A 255 5.15 -3.41 24.83
CA THR A 255 6.23 -2.46 24.60
C THR A 255 5.75 -1.05 24.53
N LYS A 256 4.49 -0.83 24.89
CA LYS A 256 3.88 0.50 24.83
C LYS A 256 3.48 0.96 26.24
N GLU A 257 3.29 2.27 26.40
CA GLU A 257 3.14 2.86 27.72
C GLU A 257 1.93 2.33 28.49
N GLY A 258 1.98 2.48 29.81
CA GLY A 258 0.86 2.11 30.68
C GLY A 258 0.43 0.66 30.50
N LEU A 259 1.24 -0.27 30.98
CA LEU A 259 0.86 -1.66 30.94
C LEU A 259 -0.03 -1.92 32.14
N GLU A 260 -1.28 -2.28 31.86
CA GLU A 260 -2.25 -2.62 32.89
C GLU A 260 -2.03 -4.06 33.32
N LEU A 261 -2.09 -4.29 34.62
CA LEU A 261 -1.95 -5.62 35.19
C LEU A 261 -3.06 -5.90 36.18
N PRO A 262 -3.41 -7.19 36.37
CA PRO A 262 -4.14 -7.53 37.58
C PRO A 262 -3.30 -7.18 38.81
N GLU A 263 -3.91 -6.42 39.72
CA GLU A 263 -3.20 -5.80 40.82
C GLU A 263 -4.06 -5.81 42.08
N ASP A 264 -3.68 -6.61 43.07
CA ASP A 264 -4.45 -6.72 44.32
C ASP A 264 -4.35 -5.46 45.21
N GLU A 265 -5.46 -5.10 45.85
CA GLU A 265 -5.55 -3.88 46.70
C GLU A 265 -4.26 -3.51 47.43
N GLU A 266 -3.56 -4.53 47.93
CA GLU A 266 -2.30 -4.33 48.64
C GLU A 266 -1.19 -3.85 47.72
N GLU A 267 -0.94 -4.59 46.65
CA GLU A 267 0.14 -4.30 45.69
C GLU A 267 0.07 -2.91 45.05
N LYS A 268 -1.15 -2.42 44.78
CA LYS A 268 -1.40 -1.04 44.29
C LYS A 268 -0.85 0.03 45.25
N LYS A 269 -1.03 -0.21 46.54
CA LYS A 269 -0.52 0.67 47.59
C LYS A 269 1.00 0.56 47.69
N LYS A 270 1.54 -0.60 47.32
CA LYS A 270 2.98 -0.78 47.31
C LYS A 270 3.61 -0.11 46.08
N GLN A 271 2.88 -0.08 44.96
CA GLN A 271 3.34 0.57 43.74
C GLN A 271 3.33 2.09 43.87
N GLU A 272 2.40 2.63 44.63
CA GLU A 272 2.27 4.07 44.80
C GLU A 272 3.39 4.67 45.64
N GLU A 273 3.89 3.92 46.61
CA GLU A 273 5.00 4.35 47.47
C GLU A 273 6.26 4.55 46.67
N LYS A 274 6.56 3.56 45.81
CA LYS A 274 7.70 3.58 44.90
C LYS A 274 7.61 4.74 43.92
N LYS A 275 6.43 4.99 43.35
CA LYS A 275 6.23 6.16 42.51
C LYS A 275 6.71 7.47 43.17
N THR A 276 6.25 7.75 44.39
CA THR A 276 6.65 8.98 45.05
C THR A 276 8.08 8.96 45.62
N LYS A 277 8.62 7.77 45.86
CA LYS A 277 9.98 7.66 46.39
C LYS A 277 10.99 8.05 45.31
N PHE A 278 10.69 7.71 44.07
CA PHE A 278 11.51 8.04 42.92
C PHE A 278 10.86 9.18 42.13
N GLU A 279 9.88 9.84 42.72
CA GLU A 279 9.25 10.98 42.07
C GLU A 279 10.33 12.00 41.74
N ASN A 280 11.26 12.19 42.66
CA ASN A 280 12.40 13.06 42.46
C ASN A 280 13.42 12.59 41.45
N LEU A 281 13.88 11.35 41.52
CA LEU A 281 14.84 10.89 40.53
C LEU A 281 14.28 10.95 39.09
N CYS A 282 13.02 10.58 38.91
CA CYS A 282 12.39 10.72 37.59
C CYS A 282 12.47 12.14 37.05
N LYS A 283 12.31 13.12 37.94
CA LYS A 283 12.35 14.53 37.57
C LYS A 283 13.71 14.93 37.05
N ILE A 284 14.77 14.55 37.79
CA ILE A 284 16.09 15.00 37.42
C ILE A 284 16.56 14.23 36.19
N MET A 285 16.20 12.96 36.10
CA MET A 285 16.55 12.18 34.92
C MET A 285 15.94 12.68 33.61
N LYS A 286 14.71 13.14 33.67
CA LYS A 286 14.01 13.71 32.51
C LYS A 286 14.65 15.01 32.08
N ASP A 287 15.12 15.78 33.05
CA ASP A 287 15.78 17.04 32.74
C ASP A 287 17.08 16.79 31.99
N ILE A 288 17.86 15.80 32.44
CA ILE A 288 19.11 15.52 31.76
C ILE A 288 18.81 14.94 30.38
N LEU A 289 17.90 13.97 30.31
CA LEU A 289 17.55 13.36 29.04
C LEU A 289 16.68 14.23 28.14
N GLU A 290 16.37 15.44 28.61
CA GLU A 290 15.57 16.43 27.88
C GLU A 290 14.96 15.98 26.54
N LYS A 291 15.61 16.28 25.43
CA LYS A 291 14.95 16.18 24.12
C LYS A 291 14.67 14.75 23.67
N LYS A 292 15.39 13.79 24.25
CA LYS A 292 15.38 12.38 23.82
C LYS A 292 14.23 11.54 24.35
N VAL A 293 13.63 12.01 25.44
CA VAL A 293 12.56 11.29 26.12
C VAL A 293 11.42 12.22 26.53
N GLU A 294 10.18 11.78 26.31
CA GLU A 294 9.01 12.57 26.68
C GLU A 294 8.73 12.48 28.18
N LYS A 295 8.94 11.30 28.75
CA LYS A 295 8.61 11.05 30.15
C LYS A 295 9.48 9.96 30.72
N VAL A 296 9.91 10.13 31.96
CA VAL A 296 10.47 8.99 32.70
C VAL A 296 9.65 8.66 33.94
N VAL A 297 9.35 7.36 34.05
CA VAL A 297 8.38 6.89 35.01
C VAL A 297 8.93 5.71 35.81
N VAL A 298 8.37 5.46 36.99
CA VAL A 298 8.66 4.20 37.68
C VAL A 298 7.94 3.01 37.02
N SER A 299 8.68 1.98 36.65
CA SER A 299 8.15 0.85 35.92
C SER A 299 7.26 -0.06 36.74
N ASN A 300 6.45 -0.86 36.04
CA ASN A 300 5.74 -1.99 36.65
C ASN A 300 6.02 -3.34 35.93
N ARG A 301 6.90 -3.31 34.94
CA ARG A 301 7.07 -4.43 34.06
C ARG A 301 8.45 -5.10 34.15
N LEU A 302 9.34 -4.55 34.97
CA LEU A 302 10.76 -5.01 35.08
C LEU A 302 11.02 -5.78 36.38
N VAL A 303 11.93 -6.75 36.32
CA VAL A 303 12.42 -7.40 37.53
C VAL A 303 13.94 -7.42 37.63
N THR A 304 14.61 -7.98 36.63
CA THR A 304 16.08 -8.00 36.65
C THR A 304 16.69 -6.75 35.98
N SER A 305 16.14 -6.29 34.87
CA SER A 305 16.67 -5.11 34.20
C SER A 305 16.36 -3.81 34.93
N PRO A 306 17.34 -2.87 34.96
CA PRO A 306 17.20 -1.61 35.70
C PRO A 306 16.26 -0.63 35.05
N CYS A 307 16.06 -0.76 33.74
CA CYS A 307 15.14 0.11 33.00
C CYS A 307 14.86 -0.46 31.60
N CYS A 308 13.97 0.20 30.87
CA CYS A 308 13.69 -0.13 29.51
C CYS A 308 12.99 1.06 28.87
N ILE A 309 12.89 1.05 27.55
CA ILE A 309 12.19 2.12 26.84
C ILE A 309 10.93 1.61 26.20
N VAL A 310 9.85 2.33 26.44
CA VAL A 310 8.57 2.01 25.84
C VAL A 310 8.10 3.16 24.96
N THR A 311 7.22 2.89 24.03
CA THR A 311 6.80 3.92 23.10
C THR A 311 5.39 4.38 23.45
N SER A 312 5.08 5.63 23.14
CA SER A 312 3.77 6.21 23.42
C SER A 312 2.68 5.39 22.74
N THR A 313 1.53 5.27 23.40
CA THR A 313 0.38 4.49 22.87
C THR A 313 -0.03 4.96 21.48
N TYR A 314 0.01 6.29 21.31
CA TYR A 314 -0.36 6.96 20.06
C TYR A 314 0.70 6.75 18.96
N GLY A 315 1.99 6.90 19.31
CA GLY A 315 3.12 6.73 18.37
C GLY A 315 3.43 5.29 17.96
N TRP A 316 4.57 5.10 17.27
CA TRP A 316 4.90 3.77 16.71
C TRP A 316 6.30 3.22 17.04
N THR A 317 6.40 1.88 17.10
CA THR A 317 7.47 1.13 17.84
C THR A 317 8.91 1.12 17.29
N ALA A 318 9.73 0.22 17.82
CA ALA A 318 11.09 0.01 17.32
C ALA A 318 11.11 -1.17 16.34
N ASN A 319 10.17 -2.08 16.51
CA ASN A 319 9.94 -3.16 15.57
C ASN A 319 9.48 -2.58 14.24
N MET A 320 8.59 -1.59 14.33
CA MET A 320 8.06 -0.88 13.18
C MET A 320 9.12 0.00 12.53
N GLU A 321 9.82 0.82 13.32
CA GLU A 321 10.94 1.62 12.82
C GLU A 321 11.96 0.83 11.97
N ARG A 322 12.09 -0.47 12.24
CA ARG A 322 13.08 -1.32 11.57
C ARG A 322 12.49 -1.98 10.34
N ILE A 323 11.17 -2.10 10.31
CA ILE A 323 10.46 -2.65 9.15
C ILE A 323 10.42 -1.64 7.98
N MET A 324 10.61 -0.35 8.27
CA MET A 324 10.77 0.65 7.19
C MET A 324 12.14 0.52 6.52
N LYS A 325 12.16 -0.10 5.33
CA LYS A 325 13.42 -0.46 4.64
C LYS A 325 13.27 -0.39 3.12
N ALA A 340 8.30 8.95 16.79
CA ALA A 340 8.42 7.94 17.89
C ALA A 340 8.67 8.58 19.27
N LYS A 341 7.58 8.70 20.03
CA LYS A 341 7.59 9.24 21.41
C LYS A 341 7.97 8.12 22.39
N LYS A 342 9.04 8.35 23.16
CA LYS A 342 9.61 7.34 24.06
C LYS A 342 9.42 7.66 25.54
N HIS A 343 9.23 6.62 26.34
CA HIS A 343 9.26 6.72 27.79
C HIS A 343 10.39 5.86 28.31
N LEU A 344 11.11 6.36 29.30
CA LEU A 344 12.09 5.53 29.97
C LEU A 344 11.45 5.10 31.27
N GLU A 345 11.28 3.79 31.44
CA GLU A 345 10.69 3.27 32.66
C GLU A 345 11.86 2.84 33.52
N ILE A 346 11.81 3.07 34.83
CA ILE A 346 12.94 2.66 35.67
C ILE A 346 12.53 1.72 36.80
N ASN A 347 13.31 0.67 37.01
CA ASN A 347 13.03 -0.38 37.99
C ASN A 347 13.32 0.09 39.41
N PRO A 348 12.27 0.31 40.22
CA PRO A 348 12.54 0.86 41.56
C PRO A 348 13.24 -0.13 42.49
N ASP A 349 13.26 -1.42 42.16
CA ASP A 349 13.86 -2.42 43.03
C ASP A 349 15.27 -2.78 42.60
N HIS A 350 15.90 -1.92 41.82
CA HIS A 350 17.22 -2.25 41.27
C HIS A 350 18.37 -1.51 41.95
N SER A 351 19.43 -2.24 42.29
CA SER A 351 20.62 -1.67 42.94
C SER A 351 21.16 -0.47 42.19
N ILE A 352 21.28 -0.54 40.86
CA ILE A 352 21.71 0.63 40.09
C ILE A 352 20.77 1.80 40.28
N ILE A 353 19.47 1.52 40.25
CA ILE A 353 18.48 2.56 40.40
C ILE A 353 18.39 3.08 41.83
N GLU A 354 18.40 2.21 42.82
CA GLU A 354 18.35 2.69 44.19
C GLU A 354 19.62 3.49 44.57
N THR A 355 20.77 3.09 44.02
CA THR A 355 22.05 3.81 44.21
C THR A 355 22.03 5.12 43.46
N LEU A 356 21.47 5.09 42.25
CA LEU A 356 21.34 6.29 41.46
C LEU A 356 20.47 7.33 42.14
N ARG A 357 19.44 6.91 42.85
CA ARG A 357 18.58 7.88 43.54
C ARG A 357 19.43 8.67 44.53
N GLN A 358 20.12 7.93 45.39
CA GLN A 358 20.98 8.50 46.40
C GLN A 358 21.99 9.51 45.85
N LYS A 359 22.69 9.14 44.78
CA LYS A 359 23.72 10.01 44.22
C LYS A 359 23.14 11.29 43.62
N ALA A 360 22.03 11.16 42.91
CA ALA A 360 21.45 12.30 42.22
C ALA A 360 20.81 13.25 43.20
N GLU A 361 20.23 12.72 44.28
CA GLU A 361 19.59 13.59 45.25
C GLU A 361 20.63 14.28 46.08
N ALA A 362 21.84 13.73 46.11
CA ALA A 362 22.97 14.35 46.80
C ALA A 362 23.56 15.51 45.97
N ASP A 363 23.52 15.38 44.64
CA ASP A 363 23.96 16.43 43.70
C ASP A 363 23.28 16.17 42.35
N LYS A 364 22.16 16.87 42.13
CA LYS A 364 21.41 16.73 40.88
C LYS A 364 22.22 17.19 39.66
N ASN A 365 23.36 17.86 39.89
CA ASN A 365 24.17 18.39 38.82
C ASN A 365 25.48 17.65 38.59
N ASP A 366 25.69 16.57 39.32
CA ASP A 366 26.93 15.78 39.21
C ASP A 366 27.12 15.34 37.76
N LYS A 367 28.18 15.83 37.12
CA LYS A 367 28.45 15.52 35.71
C LYS A 367 28.44 14.01 35.50
N SER A 368 28.70 13.30 36.60
CA SER A 368 28.83 11.84 36.59
C SER A 368 27.45 11.17 36.63
N VAL A 369 26.56 11.68 37.47
CA VAL A 369 25.16 11.28 37.43
C VAL A 369 24.67 11.42 36.00
N LYS A 370 25.01 12.55 35.37
CA LYS A 370 24.60 12.83 34.01
C LYS A 370 25.14 11.75 33.09
N ASP A 371 26.46 11.55 33.12
CA ASP A 371 27.09 10.51 32.29
C ASP A 371 26.43 9.15 32.50
N LEU A 372 26.15 8.82 33.75
CA LEU A 372 25.42 7.61 34.09
C LEU A 372 24.02 7.50 33.42
N VAL A 373 23.14 8.45 33.73
CA VAL A 373 21.81 8.53 33.12
C VAL A 373 21.84 8.32 31.59
N ILE A 374 22.72 9.04 30.89
CA ILE A 374 22.79 8.91 29.42
C ILE A 374 23.27 7.51 29.04
N LEU A 375 24.19 6.94 29.82
CA LEU A 375 24.61 5.58 29.57
C LEU A 375 23.39 4.69 29.68
N LEU A 376 22.70 4.75 30.82
CA LEU A 376 21.52 3.92 31.02
C LEU A 376 20.51 4.09 29.89
N TYR A 377 20.27 5.34 29.50
CA TYR A 377 19.36 5.62 28.41
C TYR A 377 19.79 4.94 27.09
N GLU A 378 21.05 5.13 26.70
CA GLU A 378 21.59 4.49 25.50
C GLU A 378 21.45 2.98 25.52
N THR A 379 21.78 2.37 26.65
CA THR A 379 21.77 0.91 26.80
C THR A 379 20.37 0.33 26.70
N ALA A 380 19.42 1.06 27.27
CA ALA A 380 18.01 0.74 27.21
C ALA A 380 17.48 0.91 25.80
N LEU A 381 17.99 1.92 25.11
CA LEU A 381 17.61 2.16 23.74
C LEU A 381 18.04 0.98 22.89
N LEU A 382 19.28 0.54 23.06
CA LEU A 382 19.77 -0.62 22.31
C LEU A 382 18.94 -1.86 22.61
N SER A 383 18.74 -2.13 23.90
CA SER A 383 17.98 -3.27 24.36
C SER A 383 16.57 -3.34 23.81
N SER A 384 16.01 -2.19 23.43
CA SER A 384 14.63 -2.14 23.02
C SER A 384 14.46 -2.16 21.51
N GLY A 385 15.52 -2.49 20.79
CA GLY A 385 15.40 -2.67 19.35
C GLY A 385 15.67 -1.42 18.55
N PHE A 386 15.88 -0.30 19.26
CA PHE A 386 16.17 0.96 18.62
C PHE A 386 17.62 0.96 18.21
N SER A 387 17.94 1.75 17.20
CA SER A 387 19.32 1.95 16.82
C SER A 387 19.79 3.28 17.40
N LEU A 388 21.10 3.42 17.61
CA LEU A 388 21.61 4.65 18.21
C LEU A 388 21.79 5.78 17.20
N GLU A 389 21.87 6.98 17.75
CA GLU A 389 22.12 8.21 17.00
C GLU A 389 23.53 8.17 16.41
N ASP A 390 24.52 7.90 17.27
CA ASP A 390 25.94 7.93 16.92
C ASP A 390 26.66 6.88 17.74
N PRO A 391 26.88 5.69 17.15
CA PRO A 391 27.44 4.56 17.89
C PRO A 391 28.88 4.79 18.32
N GLN A 392 29.52 5.84 17.81
CA GLN A 392 30.87 6.19 18.21
C GLN A 392 30.85 6.83 19.59
N THR A 393 29.95 7.79 19.81
CA THR A 393 29.90 8.50 21.11
C THR A 393 29.51 7.54 22.20
N HIS A 394 28.56 6.64 21.92
CA HIS A 394 28.20 5.60 22.87
C HIS A 394 29.40 4.72 23.17
N ALA A 395 30.14 4.33 22.13
CA ALA A 395 31.36 3.56 22.32
C ALA A 395 32.37 4.33 23.18
N ASN A 396 32.62 5.60 22.86
CA ASN A 396 33.52 6.46 23.62
C ASN A 396 33.16 6.55 25.09
N ARG A 397 31.86 6.55 25.37
CA ARG A 397 31.37 6.54 26.73
C ARG A 397 31.83 5.27 27.40
N ILE A 398 31.41 4.14 26.87
CA ILE A 398 31.90 2.85 27.33
C ILE A 398 33.41 2.89 27.62
N TYR A 399 34.20 3.39 26.68
CA TYR A 399 35.67 3.37 26.83
C TYR A 399 36.13 4.18 28.03
N ARG A 400 35.52 5.36 28.22
CA ARG A 400 35.88 6.28 29.30
C ARG A 400 35.68 5.55 30.62
N MET A 401 34.54 4.87 30.69
CA MET A 401 34.20 4.01 31.80
C MET A 401 35.19 2.85 31.99
N ILE A 402 35.41 2.04 30.97
CA ILE A 402 36.26 0.87 31.14
C ILE A 402 37.73 1.27 31.34
N LYS A 403 37.97 2.58 31.31
CA LYS A 403 39.28 3.18 31.59
C LYS A 403 39.31 3.71 33.02
N LEU A 404 38.11 4.05 33.54
CA LEU A 404 37.88 4.33 34.96
C LEU A 404 38.26 3.09 35.77
N GLY A 405 37.42 2.05 35.70
CA GLY A 405 37.60 0.81 36.47
C GLY A 405 38.84 0.03 36.08
N LEU A 406 39.99 0.70 36.12
CA LEU A 406 41.29 0.21 35.64
C LEU A 406 42.46 1.15 35.98
N GLY A 407 42.15 2.42 36.24
CA GLY A 407 43.17 3.46 36.42
C GLY A 407 43.12 4.48 35.30
N LYS B 4 15.77 19.70 -43.81
CA LYS B 4 14.57 20.18 -43.09
C LYS B 4 14.57 19.79 -41.60
N PRO B 5 14.53 18.48 -41.27
CA PRO B 5 14.39 18.18 -39.84
C PRO B 5 15.62 18.64 -39.03
N ILE B 6 15.40 19.03 -37.78
CA ILE B 6 16.42 19.71 -36.99
C ILE B 6 17.70 18.92 -36.87
N TRP B 7 17.60 17.59 -36.77
CA TRP B 7 18.80 16.74 -36.67
C TRP B 7 19.60 16.67 -37.99
N THR B 8 19.04 17.16 -39.10
CA THR B 8 19.81 17.20 -40.34
C THR B 8 20.48 18.56 -40.57
N ARG B 9 20.20 19.53 -39.72
CA ARG B 9 20.83 20.82 -39.87
C ARG B 9 22.22 20.89 -39.22
N ASN B 10 23.01 21.85 -39.68
CA ASN B 10 24.33 22.03 -39.17
C ASN B 10 24.28 22.66 -37.78
N PRO B 11 24.90 22.03 -36.76
CA PRO B 11 24.84 22.50 -35.37
C PRO B 11 25.10 23.98 -35.25
N ASP B 12 26.01 24.50 -36.05
CA ASP B 12 26.37 25.88 -35.97
C ASP B 12 25.19 26.74 -36.32
N ASP B 13 24.17 26.16 -36.94
CA ASP B 13 23.01 26.94 -37.42
C ASP B 13 21.89 26.95 -36.40
N ILE B 14 21.57 25.77 -35.90
CA ILE B 14 20.54 25.62 -34.90
C ILE B 14 20.93 26.32 -33.58
N THR B 15 20.01 27.11 -33.01
CA THR B 15 20.20 27.86 -31.73
C THR B 15 19.73 27.06 -30.50
N ASN B 16 20.03 27.55 -29.29
CA ASN B 16 19.64 26.82 -28.09
C ASN B 16 18.13 26.78 -27.87
N GLU B 17 17.45 27.89 -28.18
CA GLU B 17 16.00 27.98 -28.17
C GLU B 17 15.48 26.91 -29.12
N GLU B 18 15.97 26.89 -30.36
CA GLU B 18 15.53 25.86 -31.32
C GLU B 18 15.65 24.43 -30.77
N TYR B 19 16.81 24.08 -30.21
CA TYR B 19 17.05 22.73 -29.66
C TYR B 19 16.07 22.45 -28.53
N GLY B 20 16.12 23.28 -27.50
CA GLY B 20 15.19 23.21 -26.40
C GLY B 20 13.78 22.92 -26.85
N GLU B 21 13.29 23.67 -27.85
CA GLU B 21 11.91 23.47 -28.34
C GLU B 21 11.79 22.09 -28.97
N PHE B 22 12.73 21.73 -29.81
CA PHE B 22 12.68 20.39 -30.37
C PHE B 22 12.59 19.40 -29.23
N TYR B 23 13.46 19.56 -28.24
CA TYR B 23 13.51 18.63 -27.12
C TYR B 23 12.17 18.50 -26.38
N LYS B 24 11.59 19.61 -25.95
CA LYS B 24 10.35 19.57 -25.18
C LYS B 24 9.33 18.79 -25.99
N SER B 25 9.31 19.08 -27.27
CA SER B 25 8.42 18.44 -28.26
C SER B 25 8.68 16.93 -28.44
N LEU B 26 9.92 16.50 -28.28
CA LEU B 26 10.27 15.10 -28.43
C LEU B 26 9.92 14.31 -27.17
N THR B 27 9.86 14.98 -26.04
CA THR B 27 9.76 14.28 -24.76
C THR B 27 8.54 14.68 -23.91
N ASN B 28 7.73 15.61 -24.40
CA ASN B 28 6.65 16.18 -23.59
C ASN B 28 7.16 16.61 -22.21
N ASP B 29 8.47 16.86 -22.13
CA ASP B 29 9.08 17.47 -20.96
C ASP B 29 8.65 18.94 -20.91
N TRP B 30 8.37 19.45 -19.70
CA TRP B 30 7.98 20.85 -19.52
C TRP B 30 9.15 21.85 -19.57
N GLU B 31 10.37 21.36 -19.33
CA GLU B 31 11.53 22.23 -19.41
C GLU B 31 12.48 21.78 -20.49
N ASP B 32 13.41 22.65 -20.89
CA ASP B 32 14.35 22.26 -21.95
C ASP B 32 15.46 21.34 -21.44
N HIS B 33 16.30 20.89 -22.38
CA HIS B 33 17.42 20.01 -22.09
C HIS B 33 18.45 20.65 -21.18
N LEU B 34 19.28 19.82 -20.56
CA LEU B 34 20.39 20.32 -19.78
C LEU B 34 21.65 20.44 -20.65
N ALA B 35 21.79 19.56 -21.63
CA ALA B 35 22.93 19.57 -22.54
C ALA B 35 22.54 18.95 -23.87
N VAL B 36 23.19 19.37 -24.95
CA VAL B 36 22.96 18.77 -26.26
C VAL B 36 24.26 18.25 -26.83
N LYS B 37 24.19 17.11 -27.52
CA LYS B 37 25.31 16.64 -28.33
C LYS B 37 24.75 16.18 -29.66
N HIS B 38 25.28 16.75 -30.75
CA HIS B 38 24.69 16.64 -32.08
C HIS B 38 25.82 16.43 -33.08
N PHE B 39 25.84 15.28 -33.75
CA PHE B 39 26.99 14.87 -34.53
C PHE B 39 26.58 13.91 -35.65
N SER B 40 27.57 13.49 -36.44
CA SER B 40 27.38 12.56 -37.55
C SER B 40 28.63 11.72 -37.69
N VAL B 41 28.46 10.48 -38.16
CA VAL B 41 29.56 9.55 -38.40
C VAL B 41 29.56 9.17 -39.86
N GLU B 42 30.75 8.93 -40.40
CA GLU B 42 31.04 8.81 -41.82
C GLU B 42 31.61 7.43 -42.17
N GLY B 43 31.52 7.05 -43.45
CA GLY B 43 32.16 5.83 -43.96
C GLY B 43 31.50 4.49 -43.71
N GLN B 44 31.78 3.89 -42.53
CA GLN B 44 31.34 2.50 -42.21
C GLN B 44 29.83 2.39 -42.35
N LEU B 45 29.15 3.13 -41.49
CA LEU B 45 27.78 3.51 -41.72
C LEU B 45 27.79 5.03 -41.72
N GLU B 46 26.87 5.66 -42.43
CA GLU B 46 26.62 7.09 -42.26
C GLU B 46 25.38 7.30 -41.38
N PHE B 47 25.50 8.13 -40.37
CA PHE B 47 24.34 8.52 -39.61
C PHE B 47 24.54 9.85 -38.89
N ARG B 48 23.44 10.52 -38.59
CA ARG B 48 23.47 11.75 -37.82
C ARG B 48 22.77 11.38 -36.55
N ALA B 49 23.16 12.01 -35.45
CA ALA B 49 22.48 11.79 -34.20
C ALA B 49 22.33 13.09 -33.43
N LEU B 50 21.21 13.23 -32.71
CA LEU B 50 20.97 14.36 -31.83
C LEU B 50 20.62 13.85 -30.45
N LEU B 51 21.53 14.00 -29.50
CA LEU B 51 21.30 13.46 -28.17
C LEU B 51 21.10 14.57 -27.14
N PHE B 52 20.18 14.34 -26.18
CA PHE B 52 19.88 15.31 -25.13
C PHE B 52 20.04 14.71 -23.72
N VAL B 53 20.48 15.55 -22.79
CA VAL B 53 20.49 15.19 -21.37
C VAL B 53 19.42 16.03 -20.67
N PRO B 54 18.43 15.37 -20.04
CA PRO B 54 17.36 16.02 -19.29
C PRO B 54 17.89 16.73 -18.05
N ARG B 55 17.12 17.68 -17.52
CA ARG B 55 17.52 18.36 -16.32
C ARG B 55 17.39 17.50 -15.10
N ARG B 56 16.39 16.62 -15.13
CA ARG B 56 16.09 15.78 -13.98
C ARG B 56 16.19 14.30 -14.39
N ALA B 57 16.76 13.48 -13.52
CA ALA B 57 16.89 12.05 -13.74
C ALA B 57 15.51 11.44 -13.89
N PRO B 58 15.30 10.57 -14.89
CA PRO B 58 14.03 9.85 -15.04
C PRO B 58 13.84 8.85 -13.90
N PHE B 59 12.60 8.42 -13.65
CA PHE B 59 12.38 7.36 -12.68
C PHE B 59 12.23 6.01 -13.39
N ASN B 69 14.98 2.11 -22.85
CA ASN B 69 15.59 2.83 -24.00
C ASN B 69 14.57 3.67 -24.74
N ASN B 70 14.94 4.91 -25.11
CA ASN B 70 14.05 5.79 -25.89
C ASN B 70 14.74 6.85 -26.79
N ILE B 71 15.63 6.34 -27.63
CA ILE B 71 16.15 7.10 -28.74
C ILE B 71 15.23 6.75 -29.89
N LYS B 72 14.78 7.75 -30.65
CA LYS B 72 13.88 7.49 -31.78
C LYS B 72 14.75 7.16 -32.99
N LEU B 73 14.49 6.02 -33.62
CA LEU B 73 15.28 5.61 -34.78
C LEU B 73 14.61 5.91 -36.11
N TYR B 74 15.40 6.52 -37.00
CA TYR B 74 15.02 6.87 -38.37
C TYR B 74 16.02 6.32 -39.37
N VAL B 75 15.53 6.02 -40.57
CA VAL B 75 16.35 5.71 -41.75
C VAL B 75 15.93 6.60 -42.90
N ARG B 76 16.88 7.22 -43.60
CA ARG B 76 16.59 8.17 -44.71
C ARG B 76 15.42 9.08 -44.39
N ARG B 77 15.41 9.57 -43.15
CA ARG B 77 14.41 10.50 -42.62
C ARG B 77 13.03 9.87 -42.50
N VAL B 78 13.01 8.56 -42.31
CA VAL B 78 11.77 7.84 -42.13
C VAL B 78 11.78 7.06 -40.79
N PHE B 79 10.74 7.30 -39.99
CA PHE B 79 10.63 6.71 -38.66
C PHE B 79 10.60 5.19 -38.74
N ILE B 80 11.30 4.52 -37.83
CA ILE B 80 11.32 3.07 -37.79
C ILE B 80 10.71 2.60 -36.48
N MET B 81 11.32 3.01 -35.37
CA MET B 81 10.96 2.49 -34.07
C MET B 81 11.62 3.32 -32.99
N ASP B 82 11.40 2.93 -31.73
CA ASP B 82 12.12 3.50 -30.60
C ASP B 82 12.22 2.54 -29.40
N ASN B 83 11.72 1.31 -29.58
CA ASN B 83 11.97 0.26 -28.58
C ASN B 83 13.43 -0.25 -28.62
N CYS B 84 14.23 0.28 -29.55
CA CYS B 84 15.52 -0.30 -29.89
C CYS B 84 16.54 -0.28 -28.76
N GLU B 85 16.45 -1.29 -27.92
CA GLU B 85 17.41 -1.42 -26.83
C GLU B 85 18.57 -2.23 -27.38
N GLU B 86 19.52 -1.48 -27.92
CA GLU B 86 20.72 -1.97 -28.57
C GLU B 86 21.49 -0.73 -28.98
N LEU B 87 20.76 0.38 -29.06
CA LEU B 87 21.34 1.66 -29.40
C LEU B 87 22.23 2.26 -28.29
N ILE B 88 21.79 2.23 -27.03
CA ILE B 88 22.64 2.62 -25.90
C ILE B 88 22.49 1.63 -24.76
N PRO B 89 23.50 1.55 -23.85
CA PRO B 89 23.50 0.65 -22.72
C PRO B 89 22.52 1.07 -21.65
N GLU B 90 22.10 0.12 -20.82
CA GLU B 90 21.19 0.39 -19.72
C GLU B 90 21.50 1.74 -19.07
N TYR B 91 22.76 1.94 -18.67
CA TYR B 91 23.11 3.07 -17.78
C TYR B 91 23.06 4.44 -18.37
N LEU B 92 22.88 4.55 -19.69
CA LEU B 92 22.76 5.84 -20.35
C LEU B 92 21.32 6.05 -20.83
N ASN B 93 20.38 5.31 -20.24
CA ASN B 93 19.04 5.29 -20.78
C ASN B 93 18.31 6.60 -20.57
N PHE B 94 18.82 7.42 -19.65
CA PHE B 94 18.33 8.80 -19.46
C PHE B 94 18.54 9.69 -20.68
N ILE B 95 19.48 9.31 -21.58
CA ILE B 95 19.70 10.05 -22.83
C ILE B 95 18.47 9.94 -23.72
N ARG B 96 18.14 11.02 -24.42
CA ARG B 96 16.96 11.08 -25.31
C ARG B 96 17.35 11.78 -26.58
N GLY B 97 16.89 11.29 -27.72
CA GLY B 97 17.11 11.99 -28.98
C GLY B 97 16.81 11.15 -30.21
N VAL B 98 17.35 11.55 -31.36
CA VAL B 98 17.09 10.80 -32.55
C VAL B 98 18.37 10.30 -33.19
N VAL B 99 18.30 9.10 -33.76
CA VAL B 99 19.32 8.61 -34.68
C VAL B 99 18.77 8.46 -36.11
N ASP B 100 19.37 9.20 -37.04
CA ASP B 100 18.97 9.14 -38.44
C ASP B 100 20.06 8.48 -39.23
N SER B 101 19.88 7.18 -39.50
CA SER B 101 20.81 6.41 -40.33
C SER B 101 20.54 6.69 -41.79
N GLU B 102 21.62 6.87 -42.54
CA GLU B 102 21.56 7.04 -44.00
C GLU B 102 21.52 5.64 -44.66
N ASP B 103 20.76 4.74 -44.04
CA ASP B 103 20.49 3.37 -44.49
C ASP B 103 21.22 2.28 -43.72
N LEU B 104 20.44 1.54 -42.93
CA LEU B 104 20.80 0.23 -42.42
C LEU B 104 19.89 -0.78 -43.13
N PRO B 105 20.38 -2.02 -43.38
CA PRO B 105 19.54 -3.05 -44.03
C PRO B 105 18.27 -3.39 -43.22
N GLN B 115 21.22 -11.29 -39.59
CA GLN B 115 22.34 -10.70 -38.79
C GLN B 115 21.84 -9.63 -37.83
N SER B 116 21.80 -8.38 -38.31
CA SER B 116 21.53 -7.20 -37.49
C SER B 116 22.48 -7.09 -36.30
N LYS B 117 23.52 -6.28 -36.47
CA LYS B 117 24.56 -6.04 -35.47
C LYS B 117 25.31 -4.75 -35.81
N ILE B 118 25.06 -4.21 -36.99
CA ILE B 118 25.50 -2.86 -37.35
C ILE B 118 25.13 -1.94 -36.21
N LEU B 119 23.96 -2.19 -35.62
CA LEU B 119 23.53 -1.55 -34.36
C LEU B 119 24.61 -1.44 -33.28
N LYS B 120 25.49 -2.43 -33.18
CA LYS B 120 26.61 -2.34 -32.25
C LYS B 120 27.50 -1.16 -32.59
N VAL B 121 27.71 -0.94 -33.88
CA VAL B 121 28.63 0.09 -34.35
C VAL B 121 28.05 1.49 -34.11
N ILE B 122 26.73 1.63 -34.30
CA ILE B 122 25.99 2.83 -33.88
C ILE B 122 26.07 3.05 -32.36
N ARG B 123 25.85 2.00 -31.56
CA ARG B 123 25.97 2.06 -30.11
C ARG B 123 27.31 2.63 -29.70
N LYS B 124 28.40 2.05 -30.20
CA LYS B 124 29.74 2.47 -29.79
C LYS B 124 29.95 3.96 -30.04
N ASN B 125 29.65 4.41 -31.26
CA ASN B 125 29.66 5.85 -31.55
C ASN B 125 28.84 6.68 -30.53
N LEU B 126 27.62 6.25 -30.17
CA LEU B 126 26.76 7.05 -29.30
C LEU B 126 27.37 7.14 -27.91
N VAL B 127 28.04 6.09 -27.49
CA VAL B 127 28.60 6.09 -26.18
C VAL B 127 29.82 7.02 -26.23
N LYS B 128 30.58 6.93 -27.32
CA LYS B 128 31.79 7.74 -27.50
C LYS B 128 31.44 9.21 -27.30
N LYS B 129 30.40 9.63 -28.02
CA LYS B 129 29.97 10.98 -28.02
C LYS B 129 29.34 11.41 -26.70
N CYS B 130 28.52 10.57 -26.08
CA CYS B 130 27.98 10.89 -24.76
C CYS B 130 29.10 11.08 -23.75
N LEU B 131 30.12 10.23 -23.84
CA LEU B 131 31.22 10.36 -22.90
C LEU B 131 31.99 11.65 -23.19
N GLU B 132 32.05 11.99 -24.48
CA GLU B 132 32.69 13.22 -24.93
C GLU B 132 31.90 14.40 -24.39
N LEU B 133 30.58 14.41 -24.61
CA LEU B 133 29.72 15.39 -23.97
C LEU B 133 29.98 15.56 -22.48
N PHE B 134 30.00 14.45 -21.73
CA PHE B 134 30.12 14.52 -20.27
C PHE B 134 31.45 15.13 -19.87
N THR B 135 32.52 14.74 -20.56
CA THR B 135 33.83 15.35 -20.30
C THR B 135 33.77 16.87 -20.43
N GLU B 136 33.16 17.36 -21.52
CA GLU B 136 33.02 18.78 -21.79
C GLU B 136 32.23 19.45 -20.68
N LEU B 137 31.19 18.77 -20.18
CA LEU B 137 30.39 19.32 -19.08
C LEU B 137 31.24 19.51 -17.87
N ALA B 138 32.21 18.62 -17.69
CA ALA B 138 33.10 18.64 -16.54
C ALA B 138 34.05 19.81 -16.59
N GLU B 139 34.51 20.17 -17.80
CA GLU B 139 35.50 21.22 -17.93
C GLU B 139 34.92 22.62 -17.62
N ASP B 140 33.59 22.69 -17.65
CA ASP B 140 32.80 23.76 -17.07
C ASP B 140 32.63 23.49 -15.56
N LYS B 141 33.60 23.90 -14.74
CA LYS B 141 33.70 23.44 -13.33
C LYS B 141 32.62 23.92 -12.34
N GLU B 142 32.08 25.13 -12.50
CA GLU B 142 30.77 25.43 -11.89
C GLU B 142 29.73 24.76 -12.82
N ASN B 143 28.62 24.27 -12.26
CA ASN B 143 27.53 23.64 -13.05
C ASN B 143 27.78 22.31 -13.81
N TYR B 144 28.87 21.62 -13.48
CA TYR B 144 28.95 20.18 -13.69
C TYR B 144 28.16 19.56 -12.57
N LYS B 145 28.12 20.23 -11.42
CA LYS B 145 27.20 19.94 -10.32
C LYS B 145 25.82 19.56 -10.82
N LYS B 146 25.33 20.34 -11.77
CA LYS B 146 23.98 20.21 -12.26
C LYS B 146 23.74 18.90 -13.01
N PHE B 147 24.73 18.40 -13.72
CA PHE B 147 24.62 17.10 -14.35
C PHE B 147 24.92 16.03 -13.31
N TYR B 148 26.07 16.14 -12.66
CA TYR B 148 26.52 15.15 -11.72
C TYR B 148 25.60 14.80 -10.56
N GLU B 149 24.87 15.75 -10.01
CA GLU B 149 23.97 15.37 -8.92
C GLU B 149 22.75 14.61 -9.43
N GLN B 150 22.43 14.78 -10.71
CA GLN B 150 21.38 13.99 -11.34
C GLN B 150 21.82 12.61 -11.79
N PHE B 151 23.03 12.48 -12.31
CA PHE B 151 23.37 11.27 -13.05
C PHE B 151 24.60 10.50 -12.60
N SER B 152 25.07 10.72 -11.39
CA SER B 152 26.28 10.05 -10.97
C SER B 152 25.99 8.59 -10.70
N LYS B 153 24.76 8.28 -10.28
CA LYS B 153 24.35 6.89 -10.15
C LYS B 153 24.62 6.17 -11.48
N ASN B 154 24.24 6.79 -12.59
CA ASN B 154 24.49 6.23 -13.88
C ASN B 154 25.94 6.09 -14.25
N ILE B 155 26.76 7.09 -13.90
CA ILE B 155 28.19 6.98 -14.10
C ILE B 155 28.64 5.72 -13.42
N LYS B 156 28.39 5.68 -12.12
CA LYS B 156 28.86 4.60 -11.28
C LYS B 156 28.37 3.26 -11.76
N LEU B 157 27.12 3.20 -12.18
CA LEU B 157 26.56 1.98 -12.75
C LEU B 157 27.31 1.60 -14.04
N GLY B 158 27.68 2.62 -14.81
CA GLY B 158 28.50 2.42 -15.99
C GLY B 158 29.86 1.82 -15.67
N ILE B 159 30.49 2.28 -14.57
CA ILE B 159 31.81 1.78 -14.18
C ILE B 159 31.72 0.30 -13.87
N HIS B 160 30.63 -0.10 -13.21
CA HIS B 160 30.45 -1.50 -12.87
C HIS B 160 30.45 -2.33 -14.14
N GLU B 161 29.62 -1.96 -15.10
CA GLU B 161 29.28 -2.88 -16.17
C GLU B 161 29.85 -2.57 -17.58
N ASP B 162 30.45 -1.39 -17.77
CA ASP B 162 31.08 -1.04 -19.05
C ASP B 162 32.62 -0.96 -18.97
N SER B 163 33.23 -2.12 -18.72
CA SER B 163 34.69 -2.29 -18.60
C SER B 163 35.52 -1.60 -19.70
N GLN B 164 34.97 -1.48 -20.90
CA GLN B 164 35.71 -0.84 -21.97
C GLN B 164 35.92 0.64 -21.73
N ASN B 165 34.94 1.30 -21.10
CA ASN B 165 34.96 2.75 -20.91
C ASN B 165 35.15 3.15 -19.46
N ARG B 166 35.29 2.15 -18.59
CA ARG B 166 35.57 2.30 -17.17
C ARG B 166 36.56 3.42 -16.84
N LYS B 167 37.72 3.44 -17.51
CA LYS B 167 38.68 4.52 -17.29
C LYS B 167 38.12 5.94 -17.53
N LYS B 168 37.51 6.18 -18.69
CA LYS B 168 36.87 7.44 -19.01
C LYS B 168 35.74 7.76 -18.05
N LEU B 169 34.93 6.75 -17.72
CA LEU B 169 33.84 6.94 -16.78
C LEU B 169 34.36 7.34 -15.41
N SER B 170 35.53 6.82 -15.05
CA SER B 170 36.09 7.10 -13.73
C SER B 170 36.64 8.51 -13.63
N GLU B 171 36.99 9.13 -14.75
CA GLU B 171 37.43 10.52 -14.73
C GLU B 171 36.27 11.49 -14.45
N LEU B 172 35.05 10.97 -14.44
CA LEU B 172 33.89 11.82 -14.27
C LEU B 172 33.39 11.81 -12.83
N LEU B 173 33.86 10.83 -12.05
CA LEU B 173 33.45 10.69 -10.67
C LEU B 173 33.89 11.90 -9.87
N ARG B 174 33.09 12.23 -8.86
CA ARG B 174 33.46 13.27 -7.89
C ARG B 174 33.13 12.79 -6.47
N TYR B 175 34.08 12.93 -5.54
CA TYR B 175 33.80 12.50 -4.18
C TYR B 175 34.16 13.49 -3.07
N TYR B 176 33.51 13.34 -1.92
CA TYR B 176 33.97 13.94 -0.69
C TYR B 176 35.22 13.21 -0.25
N THR B 177 36.20 13.94 0.25
CA THR B 177 37.41 13.32 0.78
C THR B 177 37.79 14.02 2.07
N SER B 178 38.62 13.37 2.88
CA SER B 178 39.12 13.98 4.11
C SER B 178 39.89 15.27 3.84
N ALA B 179 40.17 15.59 2.58
CA ALA B 179 40.89 16.79 2.24
C ALA B 179 40.02 17.87 1.63
N SER B 180 38.81 17.50 1.23
CA SER B 180 38.03 18.31 0.31
C SER B 180 37.07 19.27 0.99
N GLY B 181 36.91 19.12 2.31
CA GLY B 181 35.89 19.87 3.04
C GLY B 181 34.53 19.49 2.53
N ASP B 182 33.69 20.48 2.26
CA ASP B 182 32.37 20.21 1.68
C ASP B 182 32.34 20.39 0.15
N GLU B 183 33.42 20.04 -0.55
CA GLU B 183 33.44 20.04 -2.01
C GLU B 183 33.64 18.61 -2.41
N MET B 184 33.09 18.24 -3.56
CA MET B 184 33.33 16.95 -4.12
C MET B 184 34.45 17.15 -5.12
N VAL B 185 35.44 16.29 -5.04
CA VAL B 185 36.60 16.41 -5.88
C VAL B 185 36.81 15.16 -6.75
N SER B 186 37.61 15.34 -7.82
CA SER B 186 37.86 14.28 -8.79
C SER B 186 39.05 13.37 -8.37
N LEU B 187 39.11 12.15 -8.90
CA LEU B 187 40.22 11.26 -8.62
C LEU B 187 41.53 11.85 -9.14
N LYS B 188 41.48 12.57 -10.26
CA LYS B 188 42.68 13.21 -10.76
C LYS B 188 43.29 14.16 -9.73
N ASP B 189 42.44 14.94 -9.09
CA ASP B 189 42.86 15.86 -8.04
C ASP B 189 43.37 15.13 -6.81
N TYR B 190 42.69 14.05 -6.42
CA TYR B 190 43.15 13.23 -5.34
C TYR B 190 44.57 12.81 -5.61
N CYS B 191 44.82 12.32 -6.83
CA CYS B 191 46.16 11.90 -7.19
C CYS B 191 47.20 12.98 -7.11
N THR B 192 46.90 14.21 -7.52
CA THR B 192 47.97 15.22 -7.54
C THR B 192 48.34 15.66 -6.13
N ARG B 193 47.57 15.24 -5.15
CA ARG B 193 47.84 15.60 -3.77
C ARG B 193 48.53 14.48 -3.03
N MET B 194 48.61 13.31 -3.64
CA MET B 194 49.25 12.16 -3.03
C MET B 194 50.64 12.46 -2.48
N LYS B 195 51.03 11.72 -1.44
CA LYS B 195 52.28 11.92 -0.71
C LYS B 195 53.48 11.35 -1.45
N GLU B 196 54.55 10.98 -0.74
CA GLU B 196 55.67 10.38 -1.48
C GLU B 196 55.71 8.86 -1.63
N ASN B 197 55.88 8.13 -0.53
CA ASN B 197 55.80 6.70 -0.66
C ASN B 197 54.35 6.25 -0.94
N GLN B 198 53.44 7.17 -1.25
CA GLN B 198 52.01 6.82 -1.38
C GLN B 198 51.63 6.18 -2.70
N LYS B 199 51.14 4.96 -2.58
CA LYS B 199 51.04 4.03 -3.71
C LYS B 199 49.58 3.67 -3.99
N HIS B 200 48.67 4.16 -3.13
CA HIS B 200 47.34 3.64 -3.01
C HIS B 200 46.33 4.75 -2.83
N ILE B 201 45.10 4.53 -3.30
CA ILE B 201 43.99 5.46 -3.11
C ILE B 201 43.10 4.86 -2.07
N TYR B 202 42.98 5.54 -0.94
CA TYR B 202 42.25 5.03 0.21
C TYR B 202 40.83 5.49 0.17
N TYR B 203 39.91 4.57 0.42
CA TYR B 203 38.52 4.97 0.50
C TYR B 203 37.85 4.32 1.65
N ILE B 204 36.69 4.86 2.00
CA ILE B 204 35.80 4.29 3.02
C ILE B 204 34.34 4.39 2.50
N THR B 205 33.52 3.37 2.74
CA THR B 205 32.10 3.44 2.39
C THR B 205 31.28 3.41 3.68
N GLY B 206 30.34 4.34 3.81
CA GLY B 206 29.35 4.32 4.89
C GLY B 206 28.13 5.14 4.53
N GLU B 207 27.29 5.40 5.53
CA GLU B 207 26.04 6.14 5.31
C GLU B 207 26.15 7.65 5.34
N THR B 208 27.15 8.23 6.03
CA THR B 208 27.26 9.71 6.18
C THR B 208 28.69 10.23 6.18
N LYS B 209 28.87 11.42 5.62
CA LYS B 209 30.15 12.12 5.68
C LYS B 209 30.70 12.17 7.10
N ASP B 210 29.87 12.52 8.08
CA ASP B 210 30.36 12.61 9.46
C ASP B 210 30.60 11.26 10.08
N GLN B 211 29.79 10.28 9.70
CA GLN B 211 29.93 8.95 10.25
C GLN B 211 31.27 8.32 9.83
N VAL B 212 31.78 8.68 8.65
CA VAL B 212 33.02 8.09 8.17
C VAL B 212 34.22 8.88 8.62
N ALA B 213 34.10 10.21 8.53
CA ALA B 213 35.14 11.14 9.01
C ALA B 213 35.57 10.83 10.43
N ASN B 214 34.62 10.49 11.29
CA ASN B 214 34.93 10.24 12.68
C ASN B 214 35.03 8.77 13.01
N SER B 215 35.43 7.95 12.07
CA SER B 215 35.43 6.52 12.29
C SER B 215 36.80 6.10 12.76
N ALA B 216 36.87 5.00 13.49
CA ALA B 216 38.16 4.57 14.00
C ALA B 216 39.11 4.30 12.84
N PHE B 217 38.62 3.70 11.75
CA PHE B 217 39.42 3.30 10.58
C PHE B 217 40.23 4.42 9.93
N VAL B 218 39.82 5.67 10.09
CA VAL B 218 40.53 6.74 9.40
C VAL B 218 41.43 7.61 10.26
N GLU B 219 41.44 7.35 11.56
CA GLU B 219 42.17 8.14 12.53
C GLU B 219 43.63 8.40 12.14
N ARG B 220 44.35 7.35 11.73
CA ARG B 220 45.81 7.48 11.54
C ARG B 220 46.18 8.04 10.19
N LEU B 221 45.45 7.64 9.14
CA LEU B 221 45.63 8.21 7.80
C LEU B 221 45.46 9.71 7.90
N ARG B 222 44.44 10.13 8.66
CA ARG B 222 44.05 11.53 8.79
C ARG B 222 45.04 12.35 9.60
N LYS B 223 45.62 11.73 10.63
CA LYS B 223 46.71 12.30 11.43
C LYS B 223 48.01 12.55 10.62
N HIS B 224 48.20 11.76 9.55
CA HIS B 224 49.41 11.87 8.74
C HIS B 224 49.22 12.55 7.39
N GLY B 225 47.99 12.91 7.09
CA GLY B 225 47.71 13.78 5.96
C GLY B 225 47.47 12.95 4.75
N LEU B 226 47.18 11.67 4.96
CA LEU B 226 46.89 10.74 3.90
C LEU B 226 45.43 10.83 3.63
N GLU B 227 45.06 11.03 2.37
CA GLU B 227 43.71 11.46 2.04
C GLU B 227 42.77 10.27 1.82
N VAL B 228 41.57 10.38 2.35
CA VAL B 228 40.60 9.28 2.27
C VAL B 228 39.36 9.68 1.51
N ILE B 229 39.00 8.91 0.48
CA ILE B 229 37.72 9.13 -0.20
C ILE B 229 36.59 8.62 0.66
N TYR B 230 35.62 9.51 0.93
CA TYR B 230 34.46 9.21 1.71
C TYR B 230 33.34 8.78 0.76
N MET B 231 33.15 7.50 0.53
CA MET B 231 32.05 7.06 -0.34
C MET B 231 30.77 6.82 0.48
N ILE B 232 29.77 7.67 0.27
CA ILE B 232 28.65 7.74 1.19
C ILE B 232 27.28 7.46 0.58
N GLU B 233 27.25 6.82 -0.59
CA GLU B 233 26.00 6.36 -1.22
C GLU B 233 26.09 4.86 -1.45
N PRO B 234 24.95 4.12 -1.37
CA PRO B 234 25.10 2.67 -1.44
C PRO B 234 25.62 2.15 -2.78
N ILE B 235 25.31 2.82 -3.89
CA ILE B 235 25.85 2.42 -5.18
C ILE B 235 27.38 2.31 -5.15
N ASP B 236 28.00 3.12 -4.31
CA ASP B 236 29.45 3.13 -4.17
C ASP B 236 30.01 1.76 -3.84
N GLU B 237 29.30 1.03 -2.98
CA GLU B 237 29.70 -0.30 -2.61
C GLU B 237 29.84 -1.17 -3.87
N TYR B 238 28.87 -1.07 -4.76
CA TYR B 238 28.87 -1.81 -6.02
C TYR B 238 29.83 -1.22 -7.05
N CYS B 239 30.13 0.05 -6.90
CA CYS B 239 31.01 0.70 -7.82
C CYS B 239 32.47 0.32 -7.55
N VAL B 240 32.93 0.44 -6.30
CA VAL B 240 34.31 0.10 -5.97
C VAL B 240 34.62 -1.35 -6.26
N GLN B 241 33.58 -2.17 -6.37
CA GLN B 241 33.76 -3.59 -6.72
C GLN B 241 34.53 -3.80 -8.03
N GLN B 242 34.47 -2.81 -8.91
CA GLN B 242 35.07 -2.92 -10.23
C GLN B 242 36.10 -1.82 -10.50
N LEU B 243 36.03 -0.72 -9.77
CA LEU B 243 37.02 0.33 -9.89
C LEU B 243 38.30 -0.02 -9.08
N LYS B 244 39.18 -0.81 -9.70
CA LYS B 244 40.37 -1.32 -9.03
C LYS B 244 41.46 -0.28 -8.92
N GLU B 245 41.50 0.64 -9.87
CA GLU B 245 42.62 1.56 -10.01
C GLU B 245 42.27 2.87 -10.75
N PHE B 246 43.10 3.88 -10.52
CA PHE B 246 43.06 5.16 -11.20
C PHE B 246 44.50 5.64 -11.32
N GLU B 247 44.90 5.97 -12.54
CA GLU B 247 46.29 6.33 -12.87
C GLU B 247 47.28 5.34 -12.32
N GLY B 248 46.94 4.06 -12.40
CA GLY B 248 47.84 3.00 -11.97
C GLY B 248 48.01 2.86 -10.48
N LYS B 249 47.28 3.66 -9.70
CA LYS B 249 47.30 3.56 -8.24
C LYS B 249 46.11 2.72 -7.84
N THR B 250 46.33 1.67 -7.04
CA THR B 250 45.23 0.75 -6.70
C THR B 250 44.42 1.24 -5.51
N LEU B 251 43.10 1.17 -5.61
CA LEU B 251 42.21 1.66 -4.55
C LEU B 251 42.11 0.68 -3.40
N VAL B 252 42.31 1.15 -2.18
CA VAL B 252 42.23 0.25 -1.04
C VAL B 252 41.21 0.71 -0.01
N SER B 253 40.41 -0.25 0.46
CA SER B 253 39.41 0.01 1.48
C SER B 253 40.04 0.04 2.88
N VAL B 254 39.66 1.02 3.67
CA VAL B 254 40.26 1.19 4.97
C VAL B 254 39.52 0.39 6.05
N THR B 255 38.49 -0.35 5.65
CA THR B 255 37.77 -1.18 6.60
C THR B 255 38.03 -2.64 6.36
N LYS B 256 39.01 -2.93 5.49
CA LYS B 256 39.42 -4.31 5.24
C LYS B 256 40.75 -4.66 5.93
N GLU B 257 40.96 -5.95 6.15
CA GLU B 257 42.21 -6.49 6.68
C GLU B 257 43.43 -5.94 5.93
N GLY B 258 44.53 -5.74 6.65
CA GLY B 258 45.82 -5.48 6.03
C GLY B 258 45.88 -4.20 5.22
N LEU B 259 45.36 -3.12 5.83
CA LEU B 259 45.61 -1.79 5.33
C LEU B 259 47.11 -1.68 5.17
N GLU B 260 47.54 -1.42 3.94
CA GLU B 260 48.94 -1.14 3.66
C GLU B 260 49.12 0.36 3.47
N LEU B 261 50.14 0.93 4.11
CA LEU B 261 50.37 2.38 4.07
C LEU B 261 51.85 2.72 3.94
N PRO B 262 52.20 3.86 3.30
CA PRO B 262 53.60 4.10 2.94
C PRO B 262 54.55 3.88 4.13
N GLU B 263 55.46 2.94 3.94
CA GLU B 263 56.35 2.51 5.02
C GLU B 263 57.71 3.21 4.94
N ASP B 264 58.16 3.65 6.12
CA ASP B 264 59.49 4.19 6.31
C ASP B 264 60.41 3.01 6.68
N GLU B 265 61.71 3.15 6.42
CA GLU B 265 62.73 2.17 6.84
C GLU B 265 62.66 1.89 8.35
N GLU B 266 62.04 2.81 9.08
CA GLU B 266 61.97 2.72 10.54
C GLU B 266 60.58 2.33 11.09
N GLU B 267 59.50 2.68 10.37
CA GLU B 267 58.18 2.31 10.86
C GLU B 267 57.99 0.80 10.76
N LYS B 268 58.44 0.22 9.63
CA LYS B 268 58.29 -1.22 9.40
C LYS B 268 58.96 -2.00 10.52
N LYS B 269 60.04 -1.45 11.04
CA LYS B 269 60.72 -2.03 12.19
C LYS B 269 59.92 -1.73 13.45
N LYS B 270 59.43 -0.50 13.58
CA LYS B 270 58.63 -0.12 14.75
C LYS B 270 57.37 -0.96 14.86
N GLN B 271 56.82 -1.37 13.71
CA GLN B 271 55.62 -2.19 13.70
C GLN B 271 55.89 -3.60 14.21
N GLU B 272 56.77 -4.35 13.52
CA GLU B 272 57.10 -5.72 13.92
C GLU B 272 57.51 -5.81 15.39
N GLU B 273 57.96 -4.68 15.93
CA GLU B 273 58.35 -4.57 17.32
C GLU B 273 57.14 -4.48 18.24
N LYS B 274 56.10 -3.76 17.80
CA LYS B 274 54.84 -3.74 18.53
C LYS B 274 54.07 -5.04 18.30
N LYS B 275 54.26 -5.64 17.12
CA LYS B 275 53.63 -6.92 16.75
C LYS B 275 53.95 -8.08 17.70
N THR B 276 55.25 -8.26 17.99
CA THR B 276 55.68 -9.34 18.87
C THR B 276 55.54 -8.96 20.34
N LYS B 277 55.49 -7.67 20.60
CA LYS B 277 55.18 -7.19 21.94
C LYS B 277 53.78 -7.69 22.33
N PHE B 278 52.78 -7.42 21.49
CA PHE B 278 51.41 -7.80 21.81
C PHE B 278 50.98 -9.15 21.24
N GLU B 279 51.93 -9.86 20.63
CA GLU B 279 51.67 -11.20 20.10
C GLU B 279 50.97 -12.07 21.15
N ASN B 280 51.49 -12.05 22.38
CA ASN B 280 50.87 -12.76 23.50
C ASN B 280 49.43 -12.38 23.80
N LEU B 281 49.20 -11.12 24.14
CA LEU B 281 47.84 -10.64 24.40
C LEU B 281 46.89 -10.95 23.24
N CYS B 282 47.39 -10.82 22.02
CA CYS B 282 46.62 -11.16 20.81
C CYS B 282 46.13 -12.59 20.82
N LYS B 283 46.99 -13.51 21.26
CA LYS B 283 46.65 -14.94 21.36
C LYS B 283 45.63 -15.27 22.45
N ILE B 284 45.73 -14.60 23.61
CA ILE B 284 44.74 -14.84 24.67
C ILE B 284 43.38 -14.26 24.28
N MET B 285 43.39 -13.12 23.57
CA MET B 285 42.16 -12.46 23.14
C MET B 285 41.40 -13.28 22.11
N LYS B 286 42.11 -13.73 21.09
CA LYS B 286 41.57 -14.64 20.08
C LYS B 286 41.02 -15.93 20.72
N ASP B 287 41.67 -16.35 21.81
CA ASP B 287 41.24 -17.53 22.57
C ASP B 287 39.83 -17.46 23.16
N ILE B 288 39.52 -16.40 23.91
CA ILE B 288 38.19 -16.25 24.50
C ILE B 288 37.12 -15.76 23.54
N LEU B 289 37.50 -14.84 22.66
CA LEU B 289 36.58 -14.42 21.62
C LEU B 289 36.15 -15.56 20.70
N GLU B 290 36.65 -16.76 21.01
CA GLU B 290 36.30 -18.01 20.31
C GLU B 290 36.09 -17.87 18.81
N LYS B 291 34.93 -18.34 18.34
CA LYS B 291 34.59 -18.29 16.93
C LYS B 291 33.74 -17.06 16.60
N LYS B 292 34.10 -15.91 17.14
CA LYS B 292 33.42 -14.66 16.81
C LYS B 292 34.28 -13.86 15.83
N VAL B 293 35.57 -14.17 15.81
CA VAL B 293 36.58 -13.41 15.10
C VAL B 293 37.52 -14.44 14.47
N GLU B 294 38.07 -14.15 13.31
CA GLU B 294 39.05 -15.04 12.72
C GLU B 294 40.42 -14.80 13.36
N LYS B 295 40.87 -13.56 13.36
CA LYS B 295 42.18 -13.20 13.91
C LYS B 295 42.05 -12.07 14.91
N VAL B 296 43.01 -11.94 15.80
CA VAL B 296 43.14 -10.72 16.58
C VAL B 296 44.54 -10.19 16.29
N VAL B 297 44.63 -9.11 15.52
CA VAL B 297 45.95 -8.56 15.13
C VAL B 297 46.24 -7.23 15.83
N VAL B 298 47.48 -6.78 15.77
CA VAL B 298 47.82 -5.43 16.23
C VAL B 298 47.48 -4.46 15.08
N SER B 299 46.83 -3.35 15.41
CA SER B 299 46.35 -2.45 14.37
C SER B 299 47.45 -1.57 13.83
N ASN B 300 47.25 -1.08 12.62
CA ASN B 300 48.11 -0.03 12.08
C ASN B 300 47.32 1.21 11.61
N ARG B 301 46.02 1.26 11.94
CA ARG B 301 45.15 2.36 11.54
C ARG B 301 44.48 3.20 12.65
N LEU B 302 44.85 2.96 13.92
CA LEU B 302 44.18 3.59 15.08
C LEU B 302 45.06 4.59 15.83
N VAL B 303 44.51 5.72 16.26
CA VAL B 303 45.26 6.56 17.20
C VAL B 303 44.58 6.70 18.56
N THR B 304 43.33 7.14 18.59
CA THR B 304 42.64 7.36 19.85
C THR B 304 41.71 6.20 20.20
N SER B 305 41.22 5.50 19.18
CA SER B 305 40.26 4.42 19.38
C SER B 305 41.05 3.19 19.78
N PRO B 306 40.63 2.50 20.84
CA PRO B 306 41.41 1.41 21.41
C PRO B 306 41.49 0.18 20.52
N CYS B 307 40.44 -0.09 19.77
CA CYS B 307 40.42 -1.22 18.84
C CYS B 307 39.38 -0.95 17.77
N CYS B 308 39.28 -1.84 16.80
CA CYS B 308 38.24 -1.78 15.77
C CYS B 308 38.07 -3.14 15.10
N ILE B 309 36.99 -3.30 14.35
CA ILE B 309 36.76 -4.50 13.60
C ILE B 309 36.95 -4.22 12.13
N VAL B 310 37.75 -5.07 11.48
CA VAL B 310 37.92 -5.03 10.03
C VAL B 310 37.45 -6.36 9.45
N THR B 311 37.14 -6.35 8.15
CA THR B 311 36.66 -7.52 7.44
C THR B 311 37.63 -7.91 6.34
N SER B 312 37.66 -9.21 6.04
CA SER B 312 38.59 -9.84 5.08
C SER B 312 38.48 -9.32 3.64
N THR B 313 39.61 -9.30 2.93
CA THR B 313 39.76 -8.79 1.55
C THR B 313 38.63 -9.20 0.61
N TYR B 314 38.33 -10.50 0.62
CA TYR B 314 37.12 -11.07 0.06
C TYR B 314 36.13 -11.20 1.20
N GLY B 315 34.89 -10.80 0.98
CA GLY B 315 33.87 -11.01 1.99
C GLY B 315 32.83 -9.92 1.97
N TRP B 316 32.10 -9.79 3.07
CA TRP B 316 31.02 -8.81 3.19
C TRP B 316 31.44 -7.74 4.20
N THR B 317 31.21 -6.46 3.91
CA THR B 317 31.43 -5.40 4.92
C THR B 317 30.24 -5.20 5.86
N ALA B 318 30.37 -4.28 6.81
CA ALA B 318 29.27 -3.90 7.71
C ALA B 318 28.17 -3.21 6.94
N ASN B 319 28.59 -2.37 5.99
CA ASN B 319 27.69 -1.67 5.11
C ASN B 319 26.89 -2.65 4.23
N MET B 320 27.56 -3.70 3.74
CA MET B 320 26.92 -4.73 2.89
C MET B 320 25.93 -5.62 3.63
N GLU B 321 26.29 -6.07 4.85
CA GLU B 321 25.38 -6.81 5.73
C GLU B 321 24.14 -5.97 6.10
N ARG B 322 24.33 -4.65 6.15
CA ARG B 322 23.25 -3.67 6.33
C ARG B 322 22.32 -3.62 5.11
N ILE B 323 22.89 -3.70 3.91
CA ILE B 323 22.14 -3.83 2.64
C ILE B 323 21.44 -5.21 2.49
N MET B 324 21.94 -6.23 3.21
CA MET B 324 21.37 -7.61 3.16
C MET B 324 20.10 -7.77 4.01
N LYS B 325 19.07 -6.98 3.71
CA LYS B 325 17.82 -7.03 4.48
C LYS B 325 16.59 -7.23 3.59
N ALA B 340 31.90 -11.47 6.01
CA ALA B 340 31.41 -11.91 7.36
C ALA B 340 32.59 -12.29 8.26
N LYS B 341 33.76 -12.45 7.64
CA LYS B 341 35.00 -12.80 8.35
C LYS B 341 35.59 -11.56 9.02
N LYS B 342 35.52 -11.53 10.34
CA LYS B 342 35.97 -10.38 11.12
C LYS B 342 37.40 -10.56 11.63
N HIS B 343 38.14 -9.46 11.70
CA HIS B 343 39.39 -9.39 12.43
C HIS B 343 39.19 -8.24 13.41
N LEU B 344 39.53 -8.45 14.67
CA LEU B 344 39.57 -7.38 15.67
C LEU B 344 40.98 -6.89 15.77
N GLU B 345 41.19 -5.61 15.46
CA GLU B 345 42.51 -5.03 15.56
C GLU B 345 42.64 -4.26 16.89
N ILE B 346 43.69 -4.53 17.66
CA ILE B 346 43.94 -3.75 18.86
C ILE B 346 44.96 -2.64 18.60
N ASN B 347 44.82 -1.52 19.32
CA ASN B 347 45.71 -0.35 19.22
C ASN B 347 46.91 -0.47 20.15
N PRO B 348 48.12 -0.62 19.57
CA PRO B 348 49.30 -0.85 20.41
C PRO B 348 49.52 0.24 21.44
N ASP B 349 49.17 1.49 21.12
CA ASP B 349 49.47 2.63 21.97
C ASP B 349 48.33 3.11 22.83
N HIS B 350 47.24 2.36 22.93
CA HIS B 350 46.15 2.86 23.74
C HIS B 350 46.38 2.37 25.15
N SER B 351 46.28 3.28 26.12
CA SER B 351 46.44 2.91 27.53
C SER B 351 45.62 1.67 27.89
N ILE B 352 44.33 1.66 27.54
CA ILE B 352 43.45 0.50 27.80
C ILE B 352 44.06 -0.82 27.33
N ILE B 353 44.42 -0.87 26.05
CA ILE B 353 44.95 -2.10 25.48
C ILE B 353 46.26 -2.41 26.17
N GLU B 354 47.13 -1.40 26.22
CA GLU B 354 48.44 -1.47 26.86
C GLU B 354 48.39 -2.06 28.27
N THR B 355 47.44 -1.61 29.11
CA THR B 355 47.36 -2.13 30.47
C THR B 355 46.72 -3.51 30.48
N LEU B 356 45.76 -3.74 29.61
CA LEU B 356 45.14 -5.05 29.46
C LEU B 356 46.14 -6.11 28.97
N ARG B 357 47.25 -5.69 28.38
CA ARG B 357 48.36 -6.61 28.09
C ARG B 357 49.10 -7.02 29.37
N GLN B 358 49.10 -6.12 30.36
CA GLN B 358 49.70 -6.45 31.65
C GLN B 358 48.78 -7.43 32.36
N LYS B 359 47.59 -6.97 32.73
CA LYS B 359 46.57 -7.81 33.34
C LYS B 359 46.48 -9.23 32.76
N ALA B 360 46.42 -9.34 31.43
CA ALA B 360 46.22 -10.63 30.76
C ALA B 360 47.41 -11.58 30.85
N GLU B 361 48.63 -11.05 30.68
CA GLU B 361 49.84 -11.87 30.80
C GLU B 361 50.18 -12.19 32.26
N ALA B 362 49.51 -11.50 33.17
CA ALA B 362 49.59 -11.78 34.60
C ALA B 362 48.61 -12.91 34.96
N ASP B 363 47.39 -12.83 34.44
CA ASP B 363 46.37 -13.86 34.72
C ASP B 363 45.50 -14.19 33.48
N LYS B 364 45.97 -15.17 32.70
CA LYS B 364 45.35 -15.60 31.43
C LYS B 364 43.85 -15.98 31.50
N ASN B 365 43.50 -16.82 32.49
CA ASN B 365 42.15 -17.37 32.64
C ASN B 365 41.22 -16.58 33.58
N ASP B 366 41.68 -15.38 33.96
CA ASP B 366 40.96 -14.49 34.89
C ASP B 366 39.59 -14.03 34.37
N LYS B 367 38.56 -14.22 35.19
CA LYS B 367 37.16 -13.97 34.77
C LYS B 367 36.81 -12.53 34.37
N SER B 368 37.57 -11.55 34.87
CA SER B 368 37.28 -10.14 34.57
C SER B 368 37.94 -9.66 33.29
N VAL B 369 39.14 -10.20 32.99
CA VAL B 369 39.76 -9.99 31.69
C VAL B 369 38.86 -10.53 30.58
N LYS B 370 38.36 -11.75 30.74
CA LYS B 370 37.42 -12.33 29.80
C LYS B 370 36.25 -11.40 29.44
N ASP B 371 35.49 -10.99 30.45
CA ASP B 371 34.33 -10.12 30.20
C ASP B 371 34.70 -8.74 29.66
N LEU B 372 35.90 -8.28 29.99
CA LEU B 372 36.46 -7.07 29.40
C LEU B 372 36.81 -7.26 27.92
N VAL B 373 37.44 -8.39 27.59
CA VAL B 373 37.76 -8.69 26.21
C VAL B 373 36.49 -8.71 25.32
N ILE B 374 35.43 -9.33 25.82
CA ILE B 374 34.19 -9.36 25.05
C ILE B 374 33.62 -7.95 24.93
N LEU B 375 33.69 -7.20 26.03
CA LEU B 375 33.13 -5.86 26.08
C LEU B 375 33.82 -4.89 25.10
N LEU B 376 35.16 -4.96 25.07
CA LEU B 376 35.93 -4.37 23.97
C LEU B 376 35.42 -4.86 22.59
N TYR B 377 35.36 -6.16 22.41
CA TYR B 377 34.88 -6.69 21.15
C TYR B 377 33.51 -6.13 20.81
N GLU B 378 32.60 -6.21 21.77
CA GLU B 378 31.23 -5.82 21.56
C GLU B 378 31.17 -4.32 21.18
N THR B 379 32.00 -3.52 21.83
CA THR B 379 32.02 -2.09 21.55
C THR B 379 32.53 -1.77 20.13
N ALA B 380 33.61 -2.44 19.74
CA ALA B 380 34.19 -2.33 18.40
C ALA B 380 33.19 -2.75 17.34
N LEU B 381 32.47 -3.83 17.60
CA LEU B 381 31.39 -4.28 16.73
C LEU B 381 30.41 -3.16 16.38
N LEU B 382 29.93 -2.47 17.40
CA LEU B 382 28.98 -1.38 17.22
C LEU B 382 29.54 -0.16 16.49
N SER B 383 30.74 0.23 16.87
CA SER B 383 31.32 1.43 16.34
C SER B 383 31.96 1.18 14.98
N SER B 384 32.01 -0.09 14.56
CA SER B 384 32.46 -0.45 13.20
C SER B 384 31.32 -0.84 12.29
N GLY B 385 30.10 -0.40 12.58
CA GLY B 385 28.98 -0.60 11.67
C GLY B 385 28.18 -1.87 11.83
N PHE B 386 28.57 -2.73 12.76
CA PHE B 386 27.90 -4.00 12.94
C PHE B 386 26.80 -3.99 13.99
N SER B 387 26.19 -5.14 14.17
CA SER B 387 24.91 -5.29 14.83
C SER B 387 24.99 -6.48 15.79
N LEU B 388 24.77 -6.26 17.09
CA LEU B 388 24.93 -7.31 18.10
C LEU B 388 24.09 -8.56 17.87
N GLU B 389 24.71 -9.74 17.98
CA GLU B 389 23.98 -11.02 17.91
C GLU B 389 22.87 -11.04 18.97
N ASP B 390 23.21 -10.60 20.19
CA ASP B 390 22.26 -10.46 21.30
C ASP B 390 22.49 -9.11 22.00
N PRO B 391 21.53 -8.15 21.87
CA PRO B 391 21.82 -6.86 22.47
C PRO B 391 21.58 -6.79 23.97
N GLN B 392 20.74 -7.67 24.53
CA GLN B 392 20.50 -7.66 25.99
C GLN B 392 21.64 -8.24 26.81
N THR B 393 22.34 -9.22 26.27
CA THR B 393 23.51 -9.75 26.98
C THR B 393 24.60 -8.68 27.00
N HIS B 394 24.59 -7.84 25.96
CA HIS B 394 25.49 -6.71 25.92
C HIS B 394 25.05 -5.69 26.93
N ALA B 395 23.74 -5.50 27.02
CA ALA B 395 23.19 -4.59 27.98
C ALA B 395 23.60 -5.06 29.39
N ASN B 396 23.32 -6.32 29.70
CA ASN B 396 23.72 -6.94 30.96
C ASN B 396 25.20 -6.70 31.26
N ARG B 397 26.06 -6.92 30.26
CA ARG B 397 27.48 -6.67 30.40
C ARG B 397 27.79 -5.26 30.85
N ILE B 398 27.13 -4.26 30.24
CA ILE B 398 27.25 -2.85 30.66
C ILE B 398 26.75 -2.72 32.10
N TYR B 399 25.58 -3.27 32.38
CA TYR B 399 24.99 -3.15 33.72
C TYR B 399 25.95 -3.62 34.80
N ARG B 400 26.49 -4.84 34.67
CA ARG B 400 27.50 -5.36 35.60
C ARG B 400 28.64 -4.37 35.81
N MET B 401 29.13 -3.80 34.70
CA MET B 401 30.23 -2.86 34.73
C MET B 401 29.88 -1.59 35.51
N ILE B 402 28.73 -1.01 35.22
CA ILE B 402 28.36 0.20 35.94
C ILE B 402 28.00 -0.08 37.41
N LYS B 403 27.62 -1.32 37.70
CA LYS B 403 27.31 -1.75 39.08
C LYS B 403 28.59 -1.74 39.91
N LEU B 404 29.66 -2.18 39.27
CA LEU B 404 31.02 -1.98 39.72
C LEU B 404 31.32 -0.48 39.88
N GLY B 405 31.24 0.26 38.77
CA GLY B 405 31.41 1.71 38.78
C GLY B 405 30.86 2.38 40.03
N LEU B 406 29.60 2.09 40.35
CA LEU B 406 28.97 2.68 41.51
C LEU B 406 29.42 2.07 42.82
N GLY B 407 30.28 1.06 42.73
CA GLY B 407 30.81 0.39 43.91
C GLY B 407 29.82 -0.56 44.54
N ILE B 408 29.33 -1.50 43.73
CA ILE B 408 28.52 -2.60 44.21
C ILE B 408 29.10 -3.88 43.62
N ASP B 409 29.13 -4.94 44.43
CA ASP B 409 29.78 -6.22 44.09
C ASP B 409 30.98 -6.43 45.01
N LYS C 4 7.38 26.26 -12.32
CA LYS C 4 7.41 26.55 -13.79
C LYS C 4 6.33 25.80 -14.59
N PRO C 5 6.09 24.50 -14.33
CA PRO C 5 4.95 23.93 -15.05
C PRO C 5 3.64 24.49 -14.50
N ILE C 6 2.58 24.36 -15.29
CA ILE C 6 1.36 25.07 -15.08
C ILE C 6 0.69 24.58 -13.81
N TRP C 7 0.79 23.30 -13.53
CA TRP C 7 0.06 22.73 -12.41
C TRP C 7 0.68 23.10 -11.07
N THR C 8 1.88 23.66 -11.10
CA THR C 8 2.55 24.18 -9.90
C THR C 8 2.52 25.71 -9.82
N ARG C 9 1.91 26.33 -10.81
CA ARG C 9 1.69 27.75 -10.75
C ARG C 9 0.45 28.06 -9.91
N ASN C 10 0.35 29.29 -9.43
CA ASN C 10 -0.80 29.68 -8.63
C ASN C 10 -2.03 29.79 -9.52
N PRO C 11 -3.08 29.03 -9.21
CA PRO C 11 -4.32 29.04 -10.02
C PRO C 11 -4.91 30.41 -10.35
N ASP C 12 -4.68 31.42 -9.51
CA ASP C 12 -5.26 32.75 -9.74
C ASP C 12 -4.46 33.62 -10.73
N ASP C 13 -3.26 33.17 -11.08
CA ASP C 13 -2.45 33.84 -12.09
C ASP C 13 -2.84 33.36 -13.47
N ILE C 14 -3.04 32.04 -13.56
CA ILE C 14 -3.28 31.32 -14.82
C ILE C 14 -4.66 31.58 -15.45
N THR C 15 -4.67 31.90 -16.74
CA THR C 15 -5.88 32.28 -17.48
C THR C 15 -6.50 31.09 -18.27
N ASN C 16 -7.74 31.25 -18.73
CA ASN C 16 -8.47 30.14 -19.33
C ASN C 16 -7.88 29.74 -20.69
N GLU C 17 -7.32 30.72 -21.41
CA GLU C 17 -6.58 30.42 -22.64
C GLU C 17 -5.33 29.56 -22.35
N GLU C 18 -4.65 29.82 -21.25
CA GLU C 18 -3.49 29.01 -20.86
C GLU C 18 -3.92 27.61 -20.44
N TYR C 19 -4.89 27.51 -19.52
CA TYR C 19 -5.43 26.22 -19.10
C TYR C 19 -5.78 25.41 -20.33
N GLY C 20 -6.50 26.05 -21.26
CA GLY C 20 -6.91 25.39 -22.50
C GLY C 20 -5.76 24.97 -23.39
N GLU C 21 -4.82 25.89 -23.59
CA GLU C 21 -3.61 25.58 -24.36
C GLU C 21 -3.06 24.34 -23.72
N PHE C 22 -2.92 24.34 -22.39
CA PHE C 22 -2.42 23.15 -21.69
C PHE C 22 -3.30 21.92 -21.86
N TYR C 23 -4.59 22.09 -21.61
CA TYR C 23 -5.50 20.97 -21.78
C TYR C 23 -5.36 20.30 -23.15
N LYS C 24 -5.35 21.13 -24.21
CA LYS C 24 -5.40 20.63 -25.58
C LYS C 24 -4.13 19.87 -25.84
N SER C 25 -3.07 20.39 -25.27
CA SER C 25 -1.73 19.87 -25.41
C SER C 25 -1.57 18.59 -24.64
N LEU C 26 -2.35 18.45 -23.57
CA LEU C 26 -2.29 17.27 -22.73
C LEU C 26 -3.00 16.07 -23.35
N THR C 27 -4.05 16.35 -24.11
CA THR C 27 -5.09 15.37 -24.46
C THR C 27 -5.29 15.12 -25.93
N ASN C 28 -4.77 16.03 -26.77
CA ASN C 28 -5.01 16.04 -28.24
C ASN C 28 -6.45 16.34 -28.67
N ASP C 29 -7.26 16.85 -27.73
CA ASP C 29 -8.55 17.41 -28.08
C ASP C 29 -8.33 18.61 -29.04
N TRP C 30 -9.28 18.84 -29.93
CA TRP C 30 -9.21 20.02 -30.79
C TRP C 30 -9.86 21.26 -30.16
N GLU C 31 -10.81 21.03 -29.26
CA GLU C 31 -11.47 22.10 -28.54
C GLU C 31 -11.00 22.06 -27.09
N ASP C 32 -11.01 23.22 -26.46
CA ASP C 32 -10.54 23.30 -25.09
C ASP C 32 -11.51 22.60 -24.13
N HIS C 33 -11.11 22.60 -22.86
CA HIS C 33 -11.78 21.91 -21.79
C HIS C 33 -13.10 22.59 -21.52
N LEU C 34 -13.90 21.98 -20.66
CA LEU C 34 -15.22 22.49 -20.36
C LEU C 34 -15.25 23.00 -18.95
N ALA C 35 -14.47 22.38 -18.08
CA ALA C 35 -14.39 22.81 -16.72
C ALA C 35 -12.99 22.49 -16.23
N VAL C 36 -12.52 23.28 -15.27
CA VAL C 36 -11.19 23.03 -14.73
C VAL C 36 -11.24 23.15 -13.22
N LYS C 37 -10.50 22.27 -12.56
CA LYS C 37 -10.37 22.32 -11.12
C LYS C 37 -8.89 22.16 -10.78
N HIS C 38 -8.32 23.18 -10.15
CA HIS C 38 -6.89 23.24 -9.88
C HIS C 38 -6.67 23.53 -8.43
N PHE C 39 -6.33 22.52 -7.66
CA PHE C 39 -6.30 22.67 -6.22
C PHE C 39 -5.03 22.08 -5.67
N SER C 40 -4.77 22.29 -4.39
CA SER C 40 -3.65 21.63 -3.73
C SER C 40 -4.09 21.00 -2.43
N VAL C 41 -3.24 20.15 -1.85
CA VAL C 41 -3.56 19.51 -0.58
C VAL C 41 -2.39 19.68 0.38
N GLU C 42 -2.67 19.71 1.69
CA GLU C 42 -1.61 19.88 2.68
C GLU C 42 -1.64 18.83 3.79
N GLY C 43 -0.72 18.98 4.74
CA GLY C 43 -0.68 18.15 5.96
C GLY C 43 -0.28 16.70 5.71
N GLN C 44 -1.20 15.79 6.05
CA GLN C 44 -1.15 14.38 5.64
C GLN C 44 -0.12 14.11 4.52
N LEU C 45 -0.48 14.48 3.30
CA LEU C 45 0.32 14.21 2.13
C LEU C 45 0.17 15.39 1.20
N GLU C 46 1.23 16.19 1.03
CA GLU C 46 1.16 17.37 0.15
C GLU C 46 1.18 16.95 -1.31
N PHE C 47 0.24 17.48 -2.10
CA PHE C 47 0.25 17.30 -3.56
C PHE C 47 -0.63 18.32 -4.30
N ARG C 48 -0.42 18.45 -5.62
CA ARG C 48 -1.19 19.37 -6.45
C ARG C 48 -1.82 18.60 -7.56
N ALA C 49 -3.02 19.02 -7.92
CA ALA C 49 -3.74 18.42 -9.04
C ALA C 49 -4.36 19.46 -9.96
N LEU C 50 -4.28 19.17 -11.24
CA LEU C 50 -4.93 19.95 -12.28
C LEU C 50 -5.90 19.02 -13.01
N LEU C 51 -7.21 19.17 -12.81
CA LEU C 51 -8.16 18.25 -13.47
C LEU C 51 -9.08 18.96 -14.45
N PHE C 52 -9.30 18.35 -15.60
CA PHE C 52 -10.15 18.94 -16.64
C PHE C 52 -11.36 18.04 -16.94
N VAL C 53 -12.47 18.68 -17.29
CA VAL C 53 -13.68 17.99 -17.73
C VAL C 53 -13.75 18.25 -19.23
N PRO C 54 -13.63 17.19 -20.05
CA PRO C 54 -13.72 17.40 -21.48
C PRO C 54 -15.15 17.75 -21.93
N ARG C 55 -15.30 18.47 -23.04
CA ARG C 55 -16.64 18.83 -23.53
C ARG C 55 -17.47 17.66 -24.03
N ARG C 56 -16.83 16.57 -24.41
CA ARG C 56 -17.56 15.41 -24.91
C ARG C 56 -17.20 14.11 -24.22
N ALA C 57 -18.20 13.30 -23.94
CA ALA C 57 -17.97 11.99 -23.32
C ALA C 57 -17.20 11.08 -24.28
N PRO C 58 -16.25 10.29 -23.76
CA PRO C 58 -15.38 9.37 -24.50
C PRO C 58 -16.05 8.06 -24.96
N PHE C 59 -15.26 6.98 -25.10
CA PHE C 59 -15.71 5.66 -25.59
C PHE C 59 -16.21 5.80 -27.03
N ASN C 70 -6.47 8.84 -19.23
CA ASN C 70 -6.31 8.89 -17.74
C ASN C 70 -5.51 10.10 -17.21
N ILE C 71 -4.77 9.89 -16.12
CA ILE C 71 -4.11 10.96 -15.37
C ILE C 71 -2.59 10.76 -15.27
N LYS C 72 -1.82 11.78 -15.66
CA LYS C 72 -0.36 11.74 -15.54
C LYS C 72 -0.01 11.93 -14.07
N LEU C 73 0.73 11.00 -13.48
CA LEU C 73 1.18 11.15 -12.11
C LEU C 73 2.65 11.56 -12.05
N TYR C 74 2.88 12.68 -11.38
CA TYR C 74 4.21 13.20 -11.16
C TYR C 74 4.57 13.18 -9.69
N VAL C 75 5.86 12.93 -9.41
CA VAL C 75 6.40 13.05 -8.06
C VAL C 75 7.63 13.96 -8.08
N ARG C 76 7.52 15.09 -7.38
CA ARG C 76 8.54 16.14 -7.36
C ARG C 76 8.88 16.66 -8.77
N ARG C 77 7.85 16.77 -9.63
CA ARG C 77 7.97 17.32 -10.96
C ARG C 77 8.64 16.35 -11.91
N VAL C 78 8.81 15.10 -11.48
CA VAL C 78 9.26 14.03 -12.38
C VAL C 78 8.12 13.08 -12.76
N PHE C 79 7.98 12.85 -14.06
CA PHE C 79 6.98 11.91 -14.58
C PHE C 79 7.22 10.45 -14.14
N ILE C 80 6.14 9.80 -13.70
CA ILE C 80 6.20 8.44 -13.20
C ILE C 80 5.48 7.49 -14.16
N MET C 81 4.20 7.80 -14.42
CA MET C 81 3.29 6.94 -15.15
C MET C 81 2.00 7.72 -15.46
N ASP C 82 1.30 7.33 -16.53
CA ASP C 82 -0.11 7.77 -16.75
C ASP C 82 -1.12 6.72 -16.32
N ASN C 83 -1.03 5.51 -16.87
CA ASN C 83 -1.98 4.43 -16.60
C ASN C 83 -2.68 4.45 -15.21
N CYS C 84 -1.88 4.65 -14.15
CA CYS C 84 -2.30 4.46 -12.73
C CYS C 84 -3.76 4.13 -12.48
N GLU C 85 -4.02 2.84 -12.30
CA GLU C 85 -5.37 2.28 -12.31
C GLU C 85 -6.27 2.76 -11.18
N GLU C 86 -5.70 3.21 -10.06
CA GLU C 86 -6.50 3.54 -8.89
C GLU C 86 -6.43 5.00 -8.40
N LEU C 87 -6.30 5.96 -9.32
CA LEU C 87 -6.26 7.36 -8.94
C LEU C 87 -7.62 8.04 -8.83
N ILE C 88 -8.44 7.91 -9.88
CA ILE C 88 -9.87 8.24 -9.80
C ILE C 88 -10.62 6.91 -9.96
N PRO C 89 -11.84 6.80 -9.39
CA PRO C 89 -12.68 5.61 -9.62
C PRO C 89 -13.20 5.56 -11.05
N GLU C 90 -13.49 4.36 -11.52
CA GLU C 90 -13.83 4.16 -12.93
C GLU C 90 -14.95 5.06 -13.50
N TYR C 91 -15.92 5.43 -12.67
CA TYR C 91 -17.03 6.30 -13.12
C TYR C 91 -16.66 7.74 -13.39
N LEU C 92 -15.49 8.15 -12.92
CA LEU C 92 -14.99 9.50 -13.15
C LEU C 92 -13.85 9.51 -14.13
N ASN C 93 -13.82 8.53 -15.03
CA ASN C 93 -12.64 8.37 -15.90
C ASN C 93 -12.68 9.20 -17.18
N PHE C 94 -13.69 10.06 -17.31
CA PHE C 94 -13.67 11.08 -18.35
C PHE C 94 -12.69 12.21 -17.98
N ILE C 95 -12.30 12.27 -16.70
CA ILE C 95 -11.50 13.36 -16.18
C ILE C 95 -10.06 13.20 -16.63
N ARG C 96 -9.48 14.25 -17.22
CA ARG C 96 -8.10 14.18 -17.67
C ARG C 96 -7.28 15.12 -16.79
N GLY C 97 -6.01 14.82 -16.60
CA GLY C 97 -5.17 15.76 -15.87
C GLY C 97 -3.86 15.24 -15.31
N VAL C 98 -3.31 16.01 -14.38
CA VAL C 98 -2.02 15.71 -13.78
C VAL C 98 -2.13 15.78 -12.25
N VAL C 99 -1.38 14.93 -11.58
CA VAL C 99 -1.23 15.02 -10.14
C VAL C 99 0.27 15.05 -9.87
N ASP C 100 0.74 16.04 -9.10
CA ASP C 100 2.16 16.16 -8.77
C ASP C 100 2.33 16.08 -7.28
N SER C 101 3.04 15.06 -6.81
CA SER C 101 3.22 14.80 -5.38
C SER C 101 4.60 15.23 -4.86
N GLU C 102 4.65 15.78 -3.64
CA GLU C 102 5.90 16.26 -3.02
C GLU C 102 6.69 15.13 -2.37
N ASP C 103 5.97 14.29 -1.62
CA ASP C 103 6.66 13.41 -0.66
C ASP C 103 6.60 11.90 -0.95
N LEU C 104 5.82 11.51 -1.98
CA LEU C 104 5.64 10.10 -2.35
C LEU C 104 6.97 9.40 -2.68
N PRO C 105 7.33 8.35 -1.91
CA PRO C 105 8.67 7.77 -2.10
C PRO C 105 8.73 6.87 -3.35
N SER C 116 -0.90 1.59 -3.13
CA SER C 116 -1.19 0.42 -2.26
C SER C 116 -2.12 0.82 -1.10
N LYS C 117 -1.65 1.78 -0.30
CA LYS C 117 -2.34 2.22 0.92
C LYS C 117 -2.45 3.75 0.98
N ILE C 118 -1.59 4.42 0.22
CA ILE C 118 -1.54 5.88 0.24
C ILE C 118 -2.12 6.49 -1.05
N LEU C 119 -2.28 5.66 -2.09
CA LEU C 119 -2.88 6.11 -3.33
C LEU C 119 -4.34 6.42 -3.05
N LYS C 120 -4.93 5.65 -2.15
CA LYS C 120 -6.30 5.87 -1.69
C LYS C 120 -6.48 7.23 -1.02
N VAL C 121 -5.40 7.76 -0.46
CA VAL C 121 -5.41 9.09 0.14
C VAL C 121 -5.52 10.14 -0.95
N ILE C 122 -4.80 9.92 -2.05
CA ILE C 122 -4.94 10.76 -3.25
C ILE C 122 -6.32 10.56 -3.92
N ARG C 123 -6.72 9.32 -4.16
CA ARG C 123 -8.01 9.03 -4.78
C ARG C 123 -9.16 9.74 -4.07
N LYS C 124 -9.16 9.73 -2.74
CA LYS C 124 -10.25 10.36 -1.96
C LYS C 124 -10.26 11.87 -2.07
N ASN C 125 -9.09 12.50 -2.20
CA ASN C 125 -9.02 13.93 -2.38
C ASN C 125 -9.45 14.38 -3.79
N LEU C 126 -9.04 13.62 -4.80
CA LEU C 126 -9.40 13.91 -6.18
C LEU C 126 -10.91 13.83 -6.39
N VAL C 127 -11.55 12.85 -5.76
CA VAL C 127 -12.99 12.69 -5.89
C VAL C 127 -13.70 13.81 -5.15
N LYS C 128 -13.16 14.19 -4.01
CA LYS C 128 -13.70 15.27 -3.18
C LYS C 128 -13.82 16.53 -4.03
N LYS C 129 -12.76 16.83 -4.77
CA LYS C 129 -12.67 18.07 -5.54
C LYS C 129 -13.39 18.00 -6.89
N CYS C 130 -13.52 16.80 -7.45
CA CYS C 130 -14.35 16.61 -8.62
C CYS C 130 -15.80 16.90 -8.28
N LEU C 131 -16.30 16.33 -7.20
CA LEU C 131 -17.67 16.57 -6.80
C LEU C 131 -17.86 18.04 -6.46
N GLU C 132 -16.85 18.65 -5.84
CA GLU C 132 -16.84 20.07 -5.54
C GLU C 132 -17.02 20.81 -6.85
N LEU C 133 -16.23 20.44 -7.86
CA LEU C 133 -16.30 21.05 -9.18
C LEU C 133 -17.67 20.89 -9.79
N PHE C 134 -18.22 19.69 -9.73
CA PHE C 134 -19.51 19.44 -10.32
C PHE C 134 -20.60 20.22 -9.62
N THR C 135 -20.43 20.52 -8.33
CA THR C 135 -21.46 21.25 -7.57
C THR C 135 -21.45 22.71 -7.99
N GLU C 136 -20.26 23.28 -8.15
CA GLU C 136 -20.14 24.66 -8.63
C GLU C 136 -20.69 24.74 -10.05
N LEU C 137 -20.46 23.69 -10.85
CA LEU C 137 -20.95 23.64 -12.22
C LEU C 137 -22.46 23.72 -12.29
N ALA C 138 -23.11 23.06 -11.33
CA ALA C 138 -24.56 23.03 -11.19
C ALA C 138 -25.16 24.36 -10.76
N GLU C 139 -24.39 25.16 -10.03
CA GLU C 139 -24.86 26.49 -9.62
C GLU C 139 -25.16 27.37 -10.83
N ASP C 140 -24.33 27.28 -11.87
CA ASP C 140 -24.55 28.09 -13.06
C ASP C 140 -25.37 27.37 -14.16
N LYS C 141 -26.70 27.41 -14.02
CA LYS C 141 -27.66 26.77 -14.94
C LYS C 141 -27.42 27.05 -16.42
N GLU C 142 -27.41 28.33 -16.80
CA GLU C 142 -27.04 28.76 -18.17
C GLU C 142 -25.76 28.08 -18.75
N ASN C 143 -25.37 26.94 -18.17
CA ASN C 143 -24.25 26.12 -18.68
C ASN C 143 -24.08 24.76 -17.97
N TYR C 144 -24.95 24.44 -17.01
CA TYR C 144 -24.91 23.12 -16.37
C TYR C 144 -25.35 22.06 -17.35
N LYS C 145 -26.34 22.42 -18.17
CA LYS C 145 -26.77 21.67 -19.33
C LYS C 145 -25.62 20.99 -20.06
N LYS C 146 -24.62 21.77 -20.46
CA LYS C 146 -23.51 21.25 -21.24
C LYS C 146 -22.82 20.11 -20.56
N PHE C 147 -22.57 20.23 -19.25
CA PHE C 147 -22.01 19.14 -18.44
C PHE C 147 -22.98 17.96 -18.36
N TYR C 148 -24.13 18.19 -17.77
CA TYR C 148 -25.06 17.13 -17.49
C TYR C 148 -25.46 16.31 -18.72
N GLU C 149 -25.70 16.94 -19.87
CA GLU C 149 -26.09 16.18 -21.07
C GLU C 149 -25.07 15.08 -21.37
N GLN C 150 -23.80 15.38 -21.10
CA GLN C 150 -22.69 14.52 -21.46
C GLN C 150 -22.36 13.46 -20.43
N PHE C 151 -22.48 13.79 -19.15
CA PHE C 151 -21.91 12.94 -18.11
C PHE C 151 -22.89 12.45 -17.06
N SER C 152 -24.18 12.69 -17.26
CA SER C 152 -25.19 12.22 -16.31
C SER C 152 -25.11 10.70 -16.19
N LYS C 153 -24.77 10.03 -17.29
CA LYS C 153 -24.65 8.60 -17.26
C LYS C 153 -23.64 8.24 -16.20
N ASN C 154 -22.54 9.00 -16.13
CA ASN C 154 -21.45 8.77 -15.17
C ASN C 154 -21.86 9.00 -13.74
N ILE C 155 -22.60 10.06 -13.50
CA ILE C 155 -23.17 10.32 -12.16
C ILE C 155 -23.98 9.12 -11.67
N LYS C 156 -24.88 8.63 -12.53
CA LYS C 156 -25.76 7.50 -12.22
C LYS C 156 -24.98 6.21 -11.99
N LEU C 157 -23.99 5.95 -12.83
CA LEU C 157 -23.07 4.86 -12.64
C LEU C 157 -22.32 5.05 -11.32
N GLY C 158 -22.19 6.29 -10.88
CA GLY C 158 -21.54 6.63 -9.61
C GLY C 158 -22.40 6.23 -8.43
N ILE C 159 -23.65 6.65 -8.43
CA ILE C 159 -24.60 6.28 -7.40
C ILE C 159 -24.60 4.75 -7.24
N HIS C 160 -24.54 4.05 -8.38
CA HIS C 160 -24.62 2.59 -8.39
C HIS C 160 -23.42 1.94 -7.72
N GLU C 161 -22.21 2.47 -7.96
CA GLU C 161 -20.98 1.80 -7.51
C GLU C 161 -20.28 2.47 -6.29
N ASP C 162 -20.56 3.74 -6.03
CA ASP C 162 -19.84 4.47 -4.97
C ASP C 162 -20.78 4.89 -3.83
N SER C 163 -20.71 4.15 -2.71
CA SER C 163 -21.62 4.32 -1.55
C SER C 163 -21.32 5.56 -0.72
N GLN C 164 -20.03 5.86 -0.56
CA GLN C 164 -19.59 6.94 0.33
C GLN C 164 -20.04 8.30 -0.18
N ASN C 165 -20.30 8.39 -1.48
CA ASN C 165 -20.63 9.67 -2.11
C ASN C 165 -21.99 9.63 -2.80
N ARG C 166 -22.73 8.55 -2.58
CA ARG C 166 -24.07 8.41 -3.14
C ARG C 166 -24.87 9.68 -2.90
N LYS C 167 -24.74 10.28 -1.73
CA LYS C 167 -25.57 11.44 -1.40
C LYS C 167 -25.22 12.67 -2.21
N LYS C 168 -23.95 13.07 -2.18
CA LYS C 168 -23.48 14.23 -2.94
C LYS C 168 -23.73 14.04 -4.45
N LEU C 169 -23.70 12.79 -4.89
CA LEU C 169 -23.93 12.45 -6.29
C LEU C 169 -25.38 12.60 -6.75
N SER C 170 -26.32 12.29 -5.87
CA SER C 170 -27.73 12.40 -6.22
C SER C 170 -28.21 13.86 -6.33
N GLU C 171 -27.49 14.80 -5.72
CA GLU C 171 -27.88 16.21 -5.80
C GLU C 171 -27.43 16.80 -7.12
N LEU C 172 -26.74 15.98 -7.92
CA LEU C 172 -26.34 16.39 -9.26
C LEU C 172 -27.31 15.84 -10.28
N LEU C 173 -28.08 14.82 -9.90
CA LEU C 173 -29.12 14.22 -10.75
C LEU C 173 -30.22 15.21 -11.09
N ARG C 174 -30.62 15.20 -12.35
CA ARG C 174 -31.65 16.05 -12.90
C ARG C 174 -32.60 15.16 -13.71
N TYR C 175 -33.91 15.36 -13.51
CA TYR C 175 -34.94 14.54 -14.16
C TYR C 175 -36.08 15.36 -14.73
N TYR C 176 -36.73 14.85 -15.77
CA TYR C 176 -38.08 15.34 -16.14
C TYR C 176 -39.06 14.87 -15.08
N THR C 177 -40.10 15.65 -14.81
CA THR C 177 -41.16 15.19 -13.92
C THR C 177 -42.49 15.64 -14.45
N SER C 178 -43.54 15.07 -13.88
CA SER C 178 -44.92 15.47 -14.13
C SER C 178 -45.12 16.97 -13.97
N ALA C 179 -44.53 17.51 -12.90
CA ALA C 179 -44.67 18.92 -12.54
C ALA C 179 -43.91 19.88 -13.44
N SER C 180 -42.97 19.37 -14.23
CA SER C 180 -41.91 20.22 -14.79
C SER C 180 -41.86 20.50 -16.29
N GLY C 181 -42.83 20.03 -17.06
CA GLY C 181 -42.84 20.25 -18.51
C GLY C 181 -41.57 19.88 -19.25
N ASP C 182 -41.10 20.79 -20.11
CA ASP C 182 -39.91 20.62 -20.97
C ASP C 182 -38.57 20.72 -20.24
N GLU C 183 -38.57 21.01 -18.94
CA GLU C 183 -37.30 21.12 -18.19
C GLU C 183 -37.06 19.91 -17.30
N MET C 184 -35.80 19.75 -16.89
CA MET C 184 -35.41 18.67 -16.01
C MET C 184 -35.03 19.31 -14.71
N VAL C 185 -35.61 18.85 -13.62
CA VAL C 185 -35.38 19.44 -12.32
C VAL C 185 -34.64 18.52 -11.37
N SER C 186 -34.17 19.10 -10.26
CA SER C 186 -33.40 18.36 -9.24
C SER C 186 -34.31 17.74 -8.19
N LEU C 187 -33.74 16.90 -7.32
CA LEU C 187 -34.57 16.28 -6.31
C LEU C 187 -34.77 17.29 -5.19
N LYS C 188 -33.80 18.16 -4.97
CA LYS C 188 -33.98 19.25 -4.02
C LYS C 188 -35.27 19.97 -4.43
N ASP C 189 -35.39 20.17 -5.75
CA ASP C 189 -36.48 20.93 -6.32
C ASP C 189 -37.79 20.20 -6.10
N TYR C 190 -37.81 18.91 -6.40
CA TYR C 190 -38.94 18.05 -6.13
C TYR C 190 -39.39 18.22 -4.69
N CYS C 191 -38.42 18.17 -3.78
CA CYS C 191 -38.72 18.24 -2.37
C CYS C 191 -39.38 19.54 -1.93
N THR C 192 -38.99 20.67 -2.53
CA THR C 192 -39.62 21.96 -2.18
C THR C 192 -41.10 21.96 -2.54
N ARG C 193 -41.47 21.09 -3.49
CA ARG C 193 -42.84 20.96 -3.96
C ARG C 193 -43.65 19.85 -3.31
N MET C 194 -43.01 19.05 -2.46
CA MET C 194 -43.74 18.00 -1.73
C MET C 194 -44.84 18.60 -0.85
N LYS C 195 -45.83 17.77 -0.54
CA LYS C 195 -46.93 18.17 0.31
C LYS C 195 -46.71 17.74 1.75
N GLU C 196 -47.36 18.41 2.69
CA GLU C 196 -47.03 18.24 4.11
C GLU C 196 -46.99 16.76 4.50
N ASN C 197 -48.03 16.03 4.12
CA ASN C 197 -48.15 14.63 4.52
C ASN C 197 -47.25 13.62 3.80
N GLN C 198 -46.55 14.06 2.77
CA GLN C 198 -45.92 13.11 1.84
C GLN C 198 -44.59 12.54 2.33
N LYS C 199 -44.55 11.20 2.44
CA LYS C 199 -43.37 10.51 2.97
C LYS C 199 -42.42 9.96 1.88
N HIS C 200 -42.91 9.81 0.66
CA HIS C 200 -42.17 9.13 -0.40
C HIS C 200 -41.95 9.97 -1.66
N ILE C 201 -40.87 9.65 -2.38
CA ILE C 201 -40.57 10.21 -3.68
C ILE C 201 -40.98 9.20 -4.74
N TYR C 202 -41.93 9.58 -5.59
CA TYR C 202 -42.49 8.64 -6.57
C TYR C 202 -41.81 8.80 -7.90
N TYR C 203 -41.35 7.69 -8.47
CA TYR C 203 -40.78 7.72 -9.82
C TYR C 203 -41.36 6.62 -10.69
N ILE C 204 -41.17 6.76 -12.00
CA ILE C 204 -41.51 5.70 -12.97
C ILE C 204 -40.36 5.47 -13.97
N THR C 205 -40.18 4.22 -14.40
CA THR C 205 -39.21 3.91 -15.45
C THR C 205 -39.91 3.42 -16.71
N GLY C 206 -39.55 4.01 -17.85
CA GLY C 206 -40.16 3.75 -19.14
C GLY C 206 -39.26 4.23 -20.27
N GLU C 207 -39.74 4.16 -21.52
CA GLU C 207 -38.89 4.46 -22.67
C GLU C 207 -39.04 5.87 -23.23
N THR C 208 -40.16 6.51 -22.94
CA THR C 208 -40.47 7.85 -23.46
C THR C 208 -41.16 8.67 -22.40
N LYS C 209 -40.87 9.96 -22.40
CA LYS C 209 -41.54 10.90 -21.49
C LYS C 209 -43.06 10.80 -21.65
N ASP C 210 -43.56 10.92 -22.88
CA ASP C 210 -44.99 10.82 -23.16
C ASP C 210 -45.55 9.50 -22.65
N GLN C 211 -44.90 8.41 -23.04
CA GLN C 211 -45.33 7.06 -22.66
C GLN C 211 -45.62 6.94 -21.16
N VAL C 212 -44.75 7.47 -20.32
CA VAL C 212 -44.89 7.29 -18.87
C VAL C 212 -45.90 8.24 -18.24
N ALA C 213 -45.99 9.47 -18.76
CA ALA C 213 -46.93 10.48 -18.26
C ALA C 213 -48.40 10.09 -18.48
N ASN C 214 -48.67 9.40 -19.60
CA ASN C 214 -50.01 8.91 -19.93
C ASN C 214 -50.32 7.52 -19.42
N SER C 215 -49.36 6.91 -18.72
CA SER C 215 -49.55 5.57 -18.16
C SER C 215 -50.56 5.54 -17.01
N ALA C 216 -51.14 4.36 -16.76
CA ALA C 216 -52.26 4.25 -15.84
C ALA C 216 -51.83 4.42 -14.40
N PHE C 217 -50.53 4.25 -14.15
CA PHE C 217 -49.96 4.21 -12.80
C PHE C 217 -49.92 5.58 -12.15
N VAL C 218 -49.73 6.59 -12.98
CA VAL C 218 -49.56 7.94 -12.51
C VAL C 218 -50.88 8.66 -12.16
N GLU C 219 -52.00 8.10 -12.62
CA GLU C 219 -53.28 8.81 -12.66
C GLU C 219 -53.73 9.42 -11.33
N ARG C 220 -53.93 8.56 -10.34
CA ARG C 220 -54.37 8.97 -9.00
C ARG C 220 -53.34 9.86 -8.28
N LEU C 221 -52.05 9.60 -8.49
CA LEU C 221 -50.98 10.44 -7.95
C LEU C 221 -51.05 11.87 -8.51
N ARG C 222 -51.25 11.97 -9.83
CA ARG C 222 -51.38 13.23 -10.52
C ARG C 222 -52.60 13.98 -10.04
N LYS C 223 -53.75 13.31 -10.07
CA LYS C 223 -55.00 13.85 -9.55
C LYS C 223 -54.86 14.37 -8.11
N HIS C 224 -54.00 13.75 -7.32
CA HIS C 224 -53.76 14.16 -5.93
C HIS C 224 -52.73 15.28 -5.77
N GLY C 225 -52.04 15.58 -6.87
CA GLY C 225 -51.05 16.64 -6.91
C GLY C 225 -49.71 16.18 -6.36
N LEU C 226 -49.44 14.90 -6.46
CA LEU C 226 -48.18 14.36 -5.98
C LEU C 226 -47.26 14.12 -7.18
N GLU C 227 -46.14 14.84 -7.22
CA GLU C 227 -45.25 14.85 -8.37
C GLU C 227 -44.61 13.48 -8.63
N VAL C 228 -44.50 13.09 -9.90
CA VAL C 228 -43.83 11.83 -10.26
C VAL C 228 -42.66 12.04 -11.22
N ILE C 229 -41.53 11.40 -10.93
CA ILE C 229 -40.33 11.57 -11.72
C ILE C 229 -40.31 10.60 -12.91
N TYR C 230 -40.07 11.16 -14.10
CA TYR C 230 -39.99 10.37 -15.32
C TYR C 230 -38.55 9.96 -15.61
N MET C 231 -38.22 8.72 -15.27
CA MET C 231 -36.91 8.18 -15.54
C MET C 231 -36.93 7.38 -16.83
N ILE C 232 -36.32 7.96 -17.86
CA ILE C 232 -36.52 7.54 -19.25
C ILE C 232 -35.24 7.20 -20.02
N GLU C 233 -34.16 6.97 -19.27
CA GLU C 233 -32.96 6.35 -19.79
C GLU C 233 -33.02 4.92 -19.32
N PRO C 234 -32.41 3.98 -20.09
CA PRO C 234 -32.28 2.63 -19.54
C PRO C 234 -31.43 2.62 -18.27
N ILE C 235 -30.31 3.33 -18.32
CA ILE C 235 -29.39 3.48 -17.19
C ILE C 235 -30.16 3.79 -15.90
N ASP C 236 -31.27 4.49 -16.05
CA ASP C 236 -32.09 4.89 -14.92
C ASP C 236 -32.55 3.68 -14.16
N GLU C 237 -32.97 2.66 -14.90
CA GLU C 237 -33.42 1.40 -14.33
C GLU C 237 -32.31 0.83 -13.44
N TYR C 238 -31.07 0.84 -13.94
CA TYR C 238 -29.94 0.35 -13.15
C TYR C 238 -29.55 1.27 -12.00
N CYS C 239 -29.64 2.58 -12.21
CA CYS C 239 -29.28 3.55 -11.17
C CYS C 239 -30.15 3.48 -9.91
N VAL C 240 -31.45 3.34 -10.06
CA VAL C 240 -32.36 3.37 -8.91
C VAL C 240 -32.36 2.12 -8.05
N GLN C 241 -31.70 1.06 -8.51
CA GLN C 241 -31.45 -0.09 -7.66
C GLN C 241 -30.87 0.37 -6.32
N GLN C 242 -29.93 1.31 -6.37
CA GLN C 242 -29.14 1.71 -5.19
C GLN C 242 -29.52 3.07 -4.60
N LEU C 243 -30.11 3.94 -5.42
CA LEU C 243 -30.64 5.20 -4.93
C LEU C 243 -31.96 4.89 -4.22
N LYS C 244 -31.90 4.80 -2.90
CA LYS C 244 -33.04 4.34 -2.11
C LYS C 244 -33.78 5.49 -1.41
N GLU C 245 -33.08 6.58 -1.10
CA GLU C 245 -33.66 7.74 -0.38
C GLU C 245 -33.02 9.08 -0.73
N PHE C 246 -33.64 10.17 -0.28
CA PHE C 246 -33.13 11.55 -0.46
C PHE C 246 -33.69 12.47 0.62
N GLU C 247 -32.81 13.17 1.33
CA GLU C 247 -33.18 14.06 2.45
C GLU C 247 -34.17 13.41 3.41
N GLY C 248 -33.95 12.13 3.68
CA GLY C 248 -34.86 11.37 4.50
C GLY C 248 -35.74 10.51 3.61
N LYS C 249 -36.54 11.18 2.79
CA LYS C 249 -37.59 10.59 1.95
C LYS C 249 -37.11 9.39 1.12
N THR C 250 -37.91 8.32 1.07
CA THR C 250 -37.57 7.11 0.30
C THR C 250 -38.27 7.10 -1.07
N LEU C 251 -37.63 6.46 -2.05
CA LEU C 251 -38.10 6.46 -3.42
C LEU C 251 -38.94 5.22 -3.71
N VAL C 252 -40.01 5.38 -4.49
CA VAL C 252 -40.87 4.25 -4.82
C VAL C 252 -41.35 4.25 -6.26
N SER C 253 -41.16 3.11 -6.91
CA SER C 253 -41.67 2.92 -8.26
C SER C 253 -43.17 2.83 -8.21
N VAL C 254 -43.80 3.43 -9.21
CA VAL C 254 -45.24 3.39 -9.37
C VAL C 254 -45.67 2.19 -10.19
N THR C 255 -44.72 1.40 -10.68
CA THR C 255 -45.07 0.20 -11.44
C THR C 255 -44.94 -1.10 -10.65
N LYS C 256 -44.91 -0.97 -9.32
CA LYS C 256 -44.72 -2.12 -8.42
C LYS C 256 -45.77 -2.22 -7.30
N GLU C 257 -46.01 -3.46 -6.83
CA GLU C 257 -47.06 -3.73 -5.83
C GLU C 257 -46.87 -2.97 -4.51
N GLY C 258 -48.00 -2.56 -3.92
CA GLY C 258 -47.99 -1.83 -2.66
C GLY C 258 -47.52 -0.42 -2.88
N LEU C 259 -48.46 0.51 -3.04
CA LEU C 259 -48.10 1.91 -3.10
C LEU C 259 -48.73 2.70 -1.95
N GLU C 260 -47.85 3.21 -1.07
CA GLU C 260 -48.26 4.09 0.02
C GLU C 260 -48.57 5.45 -0.55
N LEU C 261 -49.58 6.10 0.03
CA LEU C 261 -50.12 7.33 -0.47
C LEU C 261 -50.75 8.04 0.73
N PRO C 262 -50.44 9.34 0.93
CA PRO C 262 -51.02 10.05 2.08
C PRO C 262 -52.55 9.96 2.05
N GLU C 263 -53.12 9.42 3.13
CA GLU C 263 -54.55 9.16 3.17
C GLU C 263 -55.24 9.78 4.38
N ASP C 264 -56.40 10.36 4.12
CA ASP C 264 -57.33 10.82 5.16
C ASP C 264 -57.73 9.69 6.10
N GLU C 265 -58.29 10.06 7.26
CA GLU C 265 -59.03 9.12 8.10
C GLU C 265 -60.30 8.70 7.35
N GLU C 266 -60.80 9.61 6.52
CA GLU C 266 -61.99 9.39 5.68
C GLU C 266 -61.74 8.38 4.55
N GLU C 267 -60.68 8.60 3.77
CA GLU C 267 -60.36 7.73 2.63
C GLU C 267 -59.87 6.34 3.06
N LYS C 268 -59.12 6.28 4.16
CA LYS C 268 -58.72 5.01 4.77
C LYS C 268 -59.93 4.13 5.07
N LYS C 269 -61.04 4.75 5.49
CA LYS C 269 -62.31 4.05 5.69
C LYS C 269 -62.93 3.60 4.36
N LYS C 270 -62.72 4.39 3.31
CA LYS C 270 -63.40 4.18 2.03
C LYS C 270 -62.67 3.19 1.11
N GLN C 271 -61.36 3.09 1.24
CA GLN C 271 -60.57 2.13 0.47
C GLN C 271 -60.86 0.71 0.98
N GLU C 272 -61.44 0.62 2.17
CA GLU C 272 -61.88 -0.65 2.76
C GLU C 272 -63.09 -1.22 2.01
N GLU C 273 -64.03 -0.36 1.66
CA GLU C 273 -65.26 -0.74 0.97
C GLU C 273 -64.94 -1.64 -0.22
N LYS C 274 -64.08 -1.14 -1.08
CA LYS C 274 -63.78 -1.78 -2.36
C LYS C 274 -63.06 -3.13 -2.25
N LYS C 275 -62.07 -3.19 -1.36
CA LYS C 275 -61.24 -4.40 -1.18
C LYS C 275 -62.05 -5.62 -0.69
N THR C 276 -63.36 -5.43 -0.52
CA THR C 276 -64.26 -6.52 -0.14
C THR C 276 -65.45 -6.62 -1.09
N LYS C 277 -65.98 -5.46 -1.51
CA LYS C 277 -67.00 -5.42 -2.53
C LYS C 277 -66.48 -6.16 -3.75
N PHE C 278 -65.22 -5.87 -4.09
CA PHE C 278 -64.59 -6.45 -5.26
C PHE C 278 -63.76 -7.69 -4.93
N GLU C 279 -63.71 -8.06 -3.66
CA GLU C 279 -62.97 -9.24 -3.24
C GLU C 279 -63.53 -10.50 -3.88
N ASN C 280 -64.86 -10.61 -3.94
CA ASN C 280 -65.49 -11.70 -4.67
C ASN C 280 -64.92 -11.74 -6.08
N LEU C 281 -65.00 -10.61 -6.78
CA LEU C 281 -64.45 -10.49 -8.13
C LEU C 281 -62.94 -10.77 -8.16
N CYS C 282 -62.25 -10.39 -7.09
CA CYS C 282 -60.81 -10.61 -6.99
C CYS C 282 -60.49 -12.08 -6.81
N LYS C 283 -61.37 -12.82 -6.14
CA LYS C 283 -61.20 -14.26 -6.03
C LYS C 283 -61.56 -14.92 -7.35
N ILE C 284 -62.64 -14.45 -7.98
CA ILE C 284 -63.12 -15.08 -9.21
C ILE C 284 -62.33 -14.70 -10.46
N MET C 285 -61.63 -13.56 -10.43
CA MET C 285 -60.86 -13.12 -11.59
C MET C 285 -59.51 -13.84 -11.76
N LYS C 286 -58.77 -14.01 -10.65
CA LYS C 286 -57.50 -14.74 -10.70
C LYS C 286 -57.72 -16.23 -10.89
N ASP C 287 -58.89 -16.71 -10.45
CA ASP C 287 -59.30 -18.08 -10.63
C ASP C 287 -59.21 -18.42 -12.12
N ILE C 288 -59.75 -17.54 -12.97
CA ILE C 288 -59.80 -17.77 -14.42
C ILE C 288 -58.70 -17.07 -15.22
N LEU C 289 -57.53 -16.87 -14.61
CA LEU C 289 -56.38 -16.26 -15.28
C LEU C 289 -55.05 -16.87 -14.83
N GLU C 290 -55.09 -18.12 -14.40
CA GLU C 290 -53.88 -18.73 -13.85
C GLU C 290 -52.90 -19.25 -14.91
N LYS C 291 -51.61 -19.08 -14.61
CA LYS C 291 -50.50 -19.25 -15.56
C LYS C 291 -50.10 -17.88 -16.15
N LYS C 292 -51.11 -17.02 -16.32
CA LYS C 292 -50.95 -15.69 -16.90
C LYS C 292 -50.60 -14.63 -15.84
N VAL C 293 -51.34 -14.64 -14.73
CA VAL C 293 -51.18 -13.65 -13.66
C VAL C 293 -51.47 -14.25 -12.29
N GLU C 294 -50.67 -13.89 -11.29
CA GLU C 294 -50.77 -14.50 -9.96
C GLU C 294 -51.18 -13.56 -8.82
N LYS C 295 -52.49 -13.55 -8.56
CA LYS C 295 -53.19 -12.73 -7.53
C LYS C 295 -53.64 -11.33 -8.02
N VAL C 296 -54.87 -10.99 -7.67
CA VAL C 296 -55.49 -9.74 -8.08
C VAL C 296 -56.09 -9.00 -6.89
N VAL C 297 -55.73 -7.72 -6.75
CA VAL C 297 -56.29 -6.88 -5.70
C VAL C 297 -56.82 -5.52 -6.22
N VAL C 298 -57.64 -4.89 -5.39
CA VAL C 298 -58.13 -3.52 -5.58
C VAL C 298 -56.98 -2.52 -5.72
N SER C 299 -57.07 -1.63 -6.70
CA SER C 299 -55.98 -0.70 -6.99
C SER C 299 -56.27 0.73 -6.55
N ASN C 300 -55.28 1.33 -5.88
CA ASN C 300 -55.39 2.73 -5.47
C ASN C 300 -54.54 3.68 -6.31
N ARG C 301 -54.09 3.21 -7.46
CA ARG C 301 -53.30 4.05 -8.36
C ARG C 301 -54.08 4.45 -9.62
N LEU C 302 -55.35 4.10 -9.67
CA LEU C 302 -56.14 4.22 -10.88
C LEU C 302 -57.28 5.23 -10.80
N VAL C 303 -57.46 6.03 -11.84
CA VAL C 303 -58.69 6.84 -11.93
C VAL C 303 -59.51 6.51 -13.17
N THR C 304 -58.97 6.81 -14.35
CA THR C 304 -59.72 6.62 -15.59
C THR C 304 -59.50 5.24 -16.19
N SER C 305 -58.34 4.63 -15.96
CA SER C 305 -58.10 3.29 -16.46
C SER C 305 -58.76 2.21 -15.60
N PRO C 306 -59.32 1.16 -16.23
CA PRO C 306 -60.01 0.11 -15.50
C PRO C 306 -59.09 -0.95 -14.88
N CYS C 307 -57.93 -1.19 -15.50
CA CYS C 307 -56.92 -2.12 -14.95
C CYS C 307 -55.49 -1.81 -15.40
N CYS C 308 -54.53 -2.37 -14.68
CA CYS C 308 -53.11 -2.31 -15.00
C CYS C 308 -52.36 -3.44 -14.29
N ILE C 309 -51.25 -3.90 -14.87
CA ILE C 309 -50.37 -4.85 -14.20
C ILE C 309 -49.29 -4.12 -13.40
N VAL C 310 -49.15 -4.47 -12.13
CA VAL C 310 -47.98 -4.05 -11.35
C VAL C 310 -47.11 -5.28 -11.18
N THR C 311 -45.86 -5.06 -10.78
CA THR C 311 -44.87 -6.12 -10.89
C THR C 311 -44.13 -6.37 -9.58
N SER C 312 -44.86 -6.77 -8.55
CA SER C 312 -44.29 -7.32 -7.31
C SER C 312 -43.16 -6.50 -6.69
N THR C 313 -42.22 -7.17 -6.01
CA THR C 313 -41.07 -6.49 -5.42
C THR C 313 -39.76 -7.19 -5.78
N TYR C 314 -39.76 -8.52 -5.65
CA TYR C 314 -38.68 -9.37 -6.19
C TYR C 314 -38.72 -9.37 -7.73
N GLY C 315 -39.86 -9.79 -8.29
CA GLY C 315 -40.09 -9.90 -9.75
C GLY C 315 -39.64 -8.74 -10.64
N TRP C 316 -39.24 -9.09 -11.87
CA TRP C 316 -38.72 -8.12 -12.84
C TRP C 316 -39.87 -7.26 -13.37
N THR C 317 -39.60 -5.98 -13.67
CA THR C 317 -40.63 -5.05 -14.19
C THR C 317 -40.60 -5.00 -15.72
N ALA C 318 -41.71 -4.53 -16.30
CA ALA C 318 -41.85 -4.43 -17.76
C ALA C 318 -40.69 -3.74 -18.48
N ASN C 319 -40.00 -2.84 -17.78
CA ASN C 319 -38.86 -2.14 -18.34
C ASN C 319 -37.55 -2.82 -18.01
N MET C 320 -37.56 -3.62 -16.94
CA MET C 320 -36.42 -4.44 -16.56
C MET C 320 -36.29 -5.60 -17.54
N GLU C 321 -37.40 -6.30 -17.75
CA GLU C 321 -37.50 -7.42 -18.69
C GLU C 321 -37.20 -7.00 -20.12
N ARG C 322 -37.48 -5.74 -20.46
CA ARG C 322 -37.29 -5.18 -21.80
C ARG C 322 -35.84 -5.25 -22.28
N ILE C 323 -34.91 -4.84 -21.42
CA ILE C 323 -33.47 -4.88 -21.73
C ILE C 323 -32.88 -6.30 -21.50
N MET C 324 -33.48 -7.30 -22.14
CA MET C 324 -33.04 -8.70 -22.10
C MET C 324 -33.06 -9.26 -23.52
N ALA C 340 -42.10 -10.88 -15.16
CA ALA C 340 -42.57 -12.25 -15.00
C ALA C 340 -43.67 -12.39 -13.93
N LYS C 341 -43.51 -11.63 -12.84
CA LYS C 341 -44.34 -11.75 -11.64
C LYS C 341 -45.39 -10.63 -11.59
N LYS C 342 -46.47 -10.81 -12.36
CA LYS C 342 -47.52 -9.79 -12.54
C LYS C 342 -48.70 -9.95 -11.58
N HIS C 343 -49.18 -8.82 -11.06
CA HIS C 343 -50.41 -8.76 -10.28
C HIS C 343 -51.36 -7.81 -10.99
N LEU C 344 -52.56 -8.30 -11.30
CA LEU C 344 -53.59 -7.43 -11.87
C LEU C 344 -54.22 -6.58 -10.78
N GLU C 345 -54.21 -5.27 -11.02
CA GLU C 345 -54.87 -4.31 -10.17
C GLU C 345 -56.06 -3.68 -10.91
N ILE C 346 -57.27 -3.93 -10.40
CA ILE C 346 -58.49 -3.39 -11.00
C ILE C 346 -58.99 -2.10 -10.34
N ASN C 347 -59.64 -1.26 -11.14
CA ASN C 347 -60.16 0.05 -10.72
C ASN C 347 -61.57 -0.02 -10.11
N PRO C 348 -61.68 0.23 -8.78
CA PRO C 348 -62.98 0.17 -8.11
C PRO C 348 -64.03 1.03 -8.78
N ASP C 349 -63.75 2.33 -8.91
CA ASP C 349 -64.74 3.30 -9.38
C ASP C 349 -64.96 3.34 -10.89
N HIS C 350 -64.53 2.32 -11.61
CA HIS C 350 -64.69 2.31 -13.05
C HIS C 350 -65.98 1.63 -13.44
N SER C 351 -66.60 2.11 -14.52
CA SER C 351 -67.85 1.54 -15.00
C SER C 351 -67.63 0.10 -15.46
N ILE C 352 -66.62 -0.11 -16.31
CA ILE C 352 -66.29 -1.43 -16.85
C ILE C 352 -66.12 -2.48 -15.75
N ILE C 353 -65.50 -2.08 -14.65
CA ILE C 353 -65.22 -2.96 -13.52
C ILE C 353 -66.49 -3.21 -12.69
N GLU C 354 -67.22 -2.13 -12.40
CA GLU C 354 -68.48 -2.23 -11.67
C GLU C 354 -69.54 -3.11 -12.38
N THR C 355 -69.67 -2.96 -13.70
CA THR C 355 -70.50 -3.83 -14.54
C THR C 355 -70.05 -5.26 -14.36
N LEU C 356 -68.84 -5.52 -14.86
CA LEU C 356 -68.21 -6.82 -14.84
C LEU C 356 -68.19 -7.44 -13.44
N ARG C 357 -68.42 -6.64 -12.40
CA ARG C 357 -68.63 -7.22 -11.07
C ARG C 357 -69.94 -8.00 -11.04
N GLN C 358 -71.07 -7.34 -10.77
CA GLN C 358 -72.35 -8.04 -10.63
C GLN C 358 -72.70 -8.97 -11.80
N LYS C 359 -72.30 -8.58 -13.02
CA LYS C 359 -72.44 -9.42 -14.23
C LYS C 359 -71.75 -10.79 -14.09
N ALA C 360 -70.61 -10.82 -13.39
CA ALA C 360 -69.94 -12.08 -13.05
C ALA C 360 -70.51 -12.72 -11.77
N GLU C 361 -70.61 -11.94 -10.69
CA GLU C 361 -71.01 -12.45 -9.37
C GLU C 361 -72.18 -13.44 -9.41
N ALA C 362 -73.33 -12.96 -9.88
CA ALA C 362 -74.42 -13.86 -10.21
C ALA C 362 -74.08 -14.47 -11.57
N ASP C 363 -74.16 -15.81 -11.65
CA ASP C 363 -73.78 -16.58 -12.85
C ASP C 363 -72.36 -16.30 -13.38
N LYS C 364 -71.40 -17.10 -12.90
CA LYS C 364 -69.95 -16.83 -13.02
C LYS C 364 -69.30 -17.30 -14.31
N ASN C 365 -70.08 -17.50 -15.37
CA ASN C 365 -69.60 -18.16 -16.58
C ASN C 365 -69.90 -17.44 -17.91
N ASP C 366 -70.16 -18.25 -18.94
CA ASP C 366 -70.31 -17.82 -20.34
C ASP C 366 -69.04 -17.26 -20.99
N LYS C 367 -68.79 -17.66 -22.24
CA LYS C 367 -67.60 -17.26 -23.00
C LYS C 367 -67.38 -15.74 -23.02
N SER C 368 -68.43 -14.99 -22.72
CA SER C 368 -68.38 -13.53 -22.71
C SER C 368 -67.69 -12.94 -21.48
N VAL C 369 -68.00 -13.44 -20.28
CA VAL C 369 -67.34 -12.98 -19.05
C VAL C 369 -65.83 -13.31 -19.07
N LYS C 370 -65.53 -14.53 -19.55
CA LYS C 370 -64.16 -14.96 -19.86
C LYS C 370 -63.50 -14.14 -20.95
N ASP C 371 -64.19 -13.93 -22.08
CA ASP C 371 -63.65 -13.11 -23.18
C ASP C 371 -63.17 -11.73 -22.71
N LEU C 372 -63.94 -11.05 -21.87
CA LEU C 372 -63.57 -9.72 -21.35
C LEU C 372 -62.44 -9.76 -20.31
N VAL C 373 -62.47 -10.74 -19.40
CA VAL C 373 -61.41 -10.87 -18.39
C VAL C 373 -60.06 -11.11 -19.05
N ILE C 374 -60.03 -12.02 -20.03
CA ILE C 374 -58.87 -12.20 -20.89
C ILE C 374 -58.52 -10.90 -21.62
N LEU C 375 -59.53 -10.23 -22.17
CA LEU C 375 -59.34 -8.90 -22.80
C LEU C 375 -58.78 -7.81 -21.86
N LEU C 376 -59.14 -7.88 -20.57
CA LEU C 376 -58.59 -6.95 -19.57
C LEU C 376 -57.14 -7.27 -19.25
N TYR C 377 -56.83 -8.55 -19.15
CA TYR C 377 -55.46 -8.96 -18.89
C TYR C 377 -54.55 -8.47 -20.01
N GLU C 378 -54.87 -8.83 -21.25
CA GLU C 378 -53.97 -8.59 -22.37
C GLU C 378 -53.76 -7.11 -22.63
N THR C 379 -54.87 -6.38 -22.66
CA THR C 379 -54.88 -4.95 -22.88
C THR C 379 -54.08 -4.29 -21.76
N ALA C 380 -54.35 -4.69 -20.51
CA ALA C 380 -53.60 -4.26 -19.35
C ALA C 380 -52.11 -4.60 -19.43
N LEU C 381 -51.81 -5.69 -20.14
CA LEU C 381 -50.46 -6.22 -20.28
C LEU C 381 -49.63 -5.44 -21.31
N LEU C 382 -50.29 -5.00 -22.38
CA LEU C 382 -49.62 -4.16 -23.38
C LEU C 382 -49.52 -2.73 -22.86
N SER C 383 -50.53 -2.31 -22.09
CA SER C 383 -50.58 -0.95 -21.54
C SER C 383 -49.54 -0.77 -20.45
N SER C 384 -49.11 -1.88 -19.86
CA SER C 384 -48.07 -1.89 -18.85
C SER C 384 -46.72 -2.21 -19.45
N GLY C 385 -46.66 -2.32 -20.77
CA GLY C 385 -45.41 -2.54 -21.50
C GLY C 385 -44.90 -3.96 -21.58
N PHE C 386 -45.78 -4.90 -21.94
CA PHE C 386 -45.36 -6.30 -22.08
C PHE C 386 -45.62 -6.86 -23.47
N SER C 387 -45.18 -8.10 -23.67
CA SER C 387 -45.37 -8.81 -24.93
C SER C 387 -46.18 -10.06 -24.68
N LEU C 388 -47.22 -10.25 -25.48
CA LEU C 388 -48.04 -11.45 -25.42
C LEU C 388 -47.26 -12.54 -26.12
N GLU C 389 -47.25 -13.74 -25.53
CA GLU C 389 -46.58 -14.92 -26.13
C GLU C 389 -46.96 -15.11 -27.60
N ASP C 390 -48.26 -15.03 -27.88
CA ASP C 390 -48.78 -15.04 -29.25
C ASP C 390 -49.67 -13.81 -29.44
N PRO C 391 -49.26 -12.89 -30.31
CA PRO C 391 -50.08 -11.70 -30.59
C PRO C 391 -51.23 -11.97 -31.58
N GLN C 392 -51.58 -13.24 -31.74
CA GLN C 392 -52.72 -13.65 -32.58
C GLN C 392 -53.93 -13.93 -31.72
N THR C 393 -53.67 -14.52 -30.56
CA THR C 393 -54.68 -14.82 -29.56
C THR C 393 -55.37 -13.53 -29.13
N HIS C 394 -54.65 -12.41 -29.20
CA HIS C 394 -55.21 -11.09 -28.87
C HIS C 394 -55.89 -10.45 -30.07
N ALA C 395 -55.19 -10.50 -31.21
CA ALA C 395 -55.67 -9.89 -32.44
C ALA C 395 -56.97 -10.52 -32.93
N ASN C 396 -57.08 -11.84 -32.79
CA ASN C 396 -58.31 -12.54 -33.17
C ASN C 396 -59.48 -12.16 -32.28
N ARG C 397 -59.18 -11.89 -31.00
CA ARG C 397 -60.20 -11.49 -30.05
C ARG C 397 -60.81 -10.14 -30.43
N ILE C 398 -59.97 -9.22 -30.90
CA ILE C 398 -60.42 -7.94 -31.44
C ILE C 398 -61.26 -8.20 -32.66
N TYR C 399 -60.91 -9.24 -33.41
CA TYR C 399 -61.65 -9.61 -34.60
C TYR C 399 -63.00 -10.25 -34.27
N ARG C 400 -63.13 -10.85 -33.08
CA ARG C 400 -64.44 -11.32 -32.60
C ARG C 400 -65.31 -10.16 -32.11
N MET C 401 -64.71 -9.25 -31.35
CA MET C 401 -65.39 -8.06 -30.82
C MET C 401 -65.89 -7.14 -31.96
N ILE C 402 -65.07 -6.97 -32.99
CA ILE C 402 -65.42 -6.17 -34.19
C ILE C 402 -66.39 -6.87 -35.16
N LYS C 403 -66.43 -8.20 -35.13
CA LYS C 403 -67.24 -8.98 -36.06
C LYS C 403 -68.73 -8.89 -35.71
N LEU C 404 -69.02 -8.69 -34.44
CA LEU C 404 -70.39 -8.45 -33.98
C LEU C 404 -70.53 -7.04 -33.39
N GLY C 405 -69.66 -6.15 -33.85
CA GLY C 405 -69.86 -4.72 -33.71
C GLY C 405 -70.64 -4.25 -34.93
N LEU C 406 -70.81 -5.14 -35.90
CA LEU C 406 -71.54 -4.84 -37.14
C LEU C 406 -72.19 -6.03 -37.89
N GLY C 407 -71.91 -7.27 -37.47
CA GLY C 407 -72.50 -8.45 -38.14
C GLY C 407 -71.49 -9.49 -38.63
S SO4 D . 7.05 -8.89 42.47
O1 SO4 D . 6.62 -10.27 42.73
O2 SO4 D . 7.31 -8.20 43.72
O3 SO4 D . 8.26 -8.90 41.64
O4 SO4 D . 5.99 -8.14 41.79
S SO4 E . 52.14 7.39 14.83
O1 SO4 E . 52.89 6.46 13.99
O2 SO4 E . 52.50 7.13 16.21
O3 SO4 E . 52.49 8.76 14.49
O4 SO4 E . 50.69 7.18 14.75
S SO4 F . -60.03 10.40 -5.27
O1 SO4 F . -59.22 10.25 -6.47
O2 SO4 F . -60.99 9.30 -5.24
O3 SO4 F . -59.19 10.31 -4.07
O4 SO4 F . -60.72 11.69 -5.27
#